data_8DA0
#
_entry.id   8DA0
#
_cell.length_a   59.703
_cell.length_b   145.537
_cell.length_c   64.207
_cell.angle_alpha   90.00
_cell.angle_beta   104.90
_cell.angle_gamma   90.00
#
_symmetry.space_group_name_H-M   'P 1 21 1'
#
loop_
_entity.id
_entity.type
_entity.pdbx_description
1 polymer 'Centi-LNX-D09 Fab light chain'
2 polymer 'Centi-LNX-D09 Fab heavy chain'
3 polymer Alpha-elapitoxin-Dpp2d
4 non-polymer 'ZINC ION'
5 non-polymer 'ACETATE ION'
6 non-polymer GLYCEROL
7 water water
#
loop_
_entity_poly.entity_id
_entity_poly.type
_entity_poly.pdbx_seq_one_letter_code
_entity_poly.pdbx_strand_id
1 'polypeptide(L)'
;EIVLTQSPSSLSASVGDRVTITCQASQDISNYLNWYQQKPGKAPKLLIYAASSLESGVPSRFSGSGSGTDFTLTISSQQP
EDFATYYCQQANSFPYTFGQGTKVEIKRTVAAPSVFIFPPSDEQLKSGTASVVCLLNNFYPREAKVQWKVDNALQSGNSQ
ESVTEQDSKDSTYSLSSTLTLSKADYEKHKVYACEVTHQGLSSPVTKSFNRGEC
;
A,C
2 'polypeptide(L)'
;EVQLVESGGGFVQPGGSLRLSCAASGFTFSNFDMHWVRQSPGKGLEWVSGLDHSGGAHYAGSVKGRFTISREDAKNSLDL
QMNNLRVDDTAVYFCVRGTLYHYTSGSYYSDAFDIWGQGTLVTVSSASVKGPSVFPLAPSSKSTSGGTAALGCLVKDYFP
EPVTVSWNSGALTSGVHTFPAVLQSSGLYSLSSVVTVPSSSLGTQTYICNVNHKPSNTKVDKKVEPKSCDKTHTGLE
;
B,D
3 'polypeptide(L)' RTCNKTFSDQSKICPPGENICYTKTWCDAFCSQRGKRVELGCAATCPKVKAGVEIKCCSTDNCNKFQFGKPR E,F
#
# COMPACT_ATOMS: atom_id res chain seq x y z
N GLU A 1 -3.88 6.90 -10.49
CA GLU A 1 -2.47 7.23 -10.11
C GLU A 1 -1.88 6.02 -9.37
N ILE A 2 -0.57 5.98 -9.18
CA ILE A 2 0.14 4.87 -8.49
C ILE A 2 0.04 5.12 -6.98
N VAL A 3 -0.62 4.21 -6.27
CA VAL A 3 -0.82 4.28 -4.80
C VAL A 3 0.29 3.45 -4.13
N LEU A 4 0.94 4.02 -3.11
CA LEU A 4 1.92 3.27 -2.30
C LEU A 4 1.33 3.10 -0.91
N THR A 5 1.33 1.86 -0.43
CA THR A 5 0.78 1.47 0.89
C THR A 5 1.92 0.88 1.69
N GLN A 6 2.31 1.58 2.76
CA GLN A 6 3.37 1.11 3.69
C GLN A 6 2.73 0.27 4.78
N SER A 7 3.50 -0.66 5.35
CA SER A 7 3.04 -1.51 6.46
C SER A 7 4.22 -1.85 7.38
N PRO A 8 4.07 -1.70 8.72
CA PRO A 8 2.88 -1.12 9.32
C PRO A 8 2.89 0.40 9.25
N SER A 9 1.79 1.06 9.63
CA SER A 9 1.69 2.54 9.78
C SER A 9 2.45 2.99 11.03
N SER A 10 2.46 2.17 12.08
CA SER A 10 3.33 2.36 13.26
C SER A 10 3.94 1.02 13.68
N LEU A 11 5.18 1.05 14.13
CA LEU A 11 5.82 -0.13 14.75
C LEU A 11 6.68 0.29 15.92
N SER A 12 6.64 -0.51 16.96
CA SER A 12 7.40 -0.35 18.22
C SER A 12 8.69 -1.14 18.07
N ALA A 13 9.84 -0.51 18.32
CA ALA A 13 11.16 -1.18 18.31
C ALA A 13 11.90 -0.76 19.57
N SER A 14 12.79 -1.63 20.08
CA SER A 14 13.81 -1.30 21.09
C SER A 14 15.11 -0.89 20.38
N VAL A 15 15.94 -0.11 21.03
CA VAL A 15 17.34 0.12 20.57
C VAL A 15 17.98 -1.26 20.40
N GLY A 16 18.63 -1.49 19.26
CA GLY A 16 19.25 -2.80 18.92
C GLY A 16 18.38 -3.65 18.01
N ASP A 17 17.07 -3.43 17.98
CA ASP A 17 16.14 -4.28 17.20
C ASP A 17 16.43 -4.12 15.70
N ARG A 18 16.16 -5.16 14.93
CA ARG A 18 16.16 -5.14 13.46
C ARG A 18 14.75 -4.72 13.03
N VAL A 19 14.59 -3.64 12.26
CA VAL A 19 13.27 -3.08 11.87
C VAL A 19 13.06 -3.23 10.37
N THR A 20 11.90 -3.75 9.97
CA THR A 20 11.53 -3.88 8.55
C THR A 20 10.19 -3.19 8.26
N ILE A 21 10.16 -2.36 7.24
CA ILE A 21 8.95 -1.61 6.76
C ILE A 21 8.72 -2.00 5.30
N THR A 22 7.50 -2.40 4.93
CA THR A 22 7.16 -2.79 3.55
C THR A 22 6.52 -1.60 2.83
N CYS A 23 6.76 -1.54 1.52
CA CYS A 23 6.09 -0.60 0.59
C CYS A 23 5.54 -1.45 -0.55
N GLN A 24 4.23 -1.38 -0.77
CA GLN A 24 3.52 -2.06 -1.87
C GLN A 24 2.98 -1.00 -2.84
N ALA A 25 3.34 -1.11 -4.12
CA ALA A 25 2.91 -0.20 -5.21
C ALA A 25 1.76 -0.84 -5.98
N SER A 26 0.76 -0.05 -6.35
CA SER A 26 -0.48 -0.55 -7.01
C SER A 26 -0.18 -1.01 -8.43
N GLN A 27 0.95 -0.61 -9.02
CA GLN A 27 1.40 -1.12 -10.33
C GLN A 27 2.93 -1.15 -10.36
N ASP A 28 3.48 -1.88 -11.32
CA ASP A 28 4.94 -2.08 -11.51
C ASP A 28 5.64 -0.72 -11.60
N ILE A 29 6.62 -0.47 -10.73
CA ILE A 29 7.42 0.80 -10.74
C ILE A 29 8.91 0.46 -10.89
N SER A 30 9.21 -0.72 -11.42
CA SER A 30 10.62 -1.17 -11.59
C SER A 30 11.35 -0.94 -10.26
N ASN A 31 12.49 -0.27 -10.27
CA ASN A 31 13.20 0.02 -8.99
C ASN A 31 13.24 1.55 -8.72
N TYR A 32 12.28 2.31 -9.28
CA TYR A 32 12.18 3.79 -9.12
C TYR A 32 11.42 4.09 -7.83
N LEU A 33 12.05 3.75 -6.69
CA LEU A 33 11.42 3.86 -5.35
C LEU A 33 12.41 4.36 -4.32
N ASN A 34 12.03 5.39 -3.59
CA ASN A 34 12.93 6.12 -2.66
C ASN A 34 12.37 6.03 -1.24
N TRP A 35 13.27 6.08 -0.27
CA TRP A 35 12.96 6.08 1.18
C TRP A 35 13.44 7.41 1.80
N TYR A 36 12.55 8.07 2.54
CA TYR A 36 12.84 9.33 3.27
C TYR A 36 12.66 9.09 4.76
N GLN A 37 13.51 9.73 5.58
CA GLN A 37 13.33 9.88 7.05
C GLN A 37 12.80 11.29 7.33
N GLN A 38 11.86 11.43 8.27
CA GLN A 38 11.40 12.76 8.75
C GLN A 38 11.24 12.71 10.27
N LYS A 39 11.90 13.64 10.96
CA LYS A 39 11.72 13.89 12.42
C LYS A 39 10.75 15.05 12.59
N PRO A 40 10.07 15.17 13.76
CA PRO A 40 9.12 16.25 13.99
C PRO A 40 9.79 17.63 13.94
N GLY A 41 9.12 18.58 13.30
CA GLY A 41 9.56 19.97 13.09
C GLY A 41 10.61 20.13 12.01
N LYS A 42 11.01 19.06 11.32
CA LYS A 42 12.16 19.07 10.37
C LYS A 42 11.75 18.53 9.01
N ALA A 43 12.53 18.88 7.98
CA ALA A 43 12.26 18.50 6.58
C ALA A 43 12.68 17.05 6.39
N PRO A 44 12.07 16.34 5.41
CA PRO A 44 12.47 14.99 5.11
C PRO A 44 13.92 14.99 4.63
N LYS A 45 14.58 13.85 4.80
CA LYS A 45 15.96 13.59 4.34
C LYS A 45 15.94 12.30 3.50
N LEU A 46 16.53 12.31 2.31
CA LEU A 46 16.67 11.10 1.45
C LEU A 46 17.62 10.06 2.09
N LEU A 47 17.16 8.83 2.29
CA LEU A 47 17.98 7.66 2.73
C LEU A 47 18.42 6.83 1.52
N ILE A 48 17.45 6.38 0.71
CA ILE A 48 17.65 5.36 -0.36
C ILE A 48 16.95 5.81 -1.64
N TYR A 49 17.65 5.66 -2.77
CA TYR A 49 17.12 5.84 -4.13
C TYR A 49 17.33 4.53 -4.89
N ALA A 50 16.56 4.32 -5.97
CA ALA A 50 16.69 3.13 -6.84
C ALA A 50 16.47 1.85 -6.02
N ALA A 51 15.59 1.91 -5.03
CA ALA A 51 15.11 0.79 -4.18
C ALA A 51 16.19 0.26 -3.22
N SER A 52 17.49 0.32 -3.52
CA SER A 52 18.54 -0.26 -2.63
C SER A 52 19.82 0.56 -2.57
N SER A 53 19.93 1.71 -3.25
CA SER A 53 21.18 2.54 -3.27
C SER A 53 21.11 3.59 -2.15
N LEU A 54 22.11 3.55 -1.25
CA LEU A 54 22.21 4.50 -0.11
C LEU A 54 22.65 5.85 -0.64
N GLU A 55 22.04 6.92 -0.12
CA GLU A 55 22.52 8.30 -0.35
C GLU A 55 23.80 8.50 0.45
N SER A 56 24.65 9.43 -0.01
CA SER A 56 25.89 9.90 0.67
C SER A 56 25.59 10.37 2.09
N GLY A 57 26.34 9.86 3.06
CA GLY A 57 26.27 10.26 4.48
C GLY A 57 25.33 9.38 5.29
N VAL A 58 24.56 8.50 4.63
CA VAL A 58 23.53 7.65 5.30
C VAL A 58 24.27 6.46 5.90
N PRO A 59 24.08 6.15 7.20
CA PRO A 59 24.82 5.05 7.83
C PRO A 59 24.41 3.69 7.24
N SER A 60 25.30 2.70 7.22
CA SER A 60 25.11 1.42 6.50
C SER A 60 24.02 0.54 7.14
N ARG A 61 23.62 0.83 8.38
CA ARG A 61 22.52 0.08 9.04
C ARG A 61 21.20 0.27 8.26
N PHE A 62 21.09 1.27 7.37
CA PHE A 62 19.93 1.39 6.46
C PHE A 62 20.19 0.54 5.21
N SER A 63 19.22 -0.27 4.80
CA SER A 63 19.28 -1.05 3.55
C SER A 63 17.87 -1.15 2.95
N GLY A 64 17.81 -1.27 1.64
CA GLY A 64 16.55 -1.30 0.88
C GLY A 64 16.59 -2.43 -0.11
N SER A 65 15.44 -3.03 -0.39
CA SER A 65 15.32 -4.03 -1.47
C SER A 65 13.95 -3.95 -2.14
N GLY A 66 13.83 -4.64 -3.28
CA GLY A 66 12.55 -4.88 -3.97
C GLY A 66 12.59 -4.37 -5.40
N SER A 67 11.56 -4.71 -6.15
CA SER A 67 11.31 -4.22 -7.53
C SER A 67 9.88 -4.58 -7.92
N GLY A 68 9.36 -3.96 -8.96
CA GLY A 68 7.97 -4.18 -9.38
C GLY A 68 7.01 -3.47 -8.48
N THR A 69 6.41 -4.21 -7.54
CA THR A 69 5.38 -3.69 -6.62
C THR A 69 5.78 -3.88 -5.15
N ASP A 70 6.82 -4.67 -4.87
CA ASP A 70 7.15 -5.19 -3.50
C ASP A 70 8.50 -4.60 -3.06
N PHE A 71 8.52 -3.80 -2.00
CA PHE A 71 9.73 -3.10 -1.49
C PHE A 71 9.81 -3.16 0.04
N THR A 72 11.02 -3.04 0.55
CA THR A 72 11.33 -3.24 1.98
C THR A 72 12.43 -2.26 2.38
N LEU A 73 12.19 -1.48 3.44
CA LEU A 73 13.24 -0.71 4.16
C LEU A 73 13.62 -1.50 5.42
N THR A 74 14.92 -1.70 5.64
CA THR A 74 15.48 -2.38 6.82
C THR A 74 16.42 -1.44 7.56
N ILE A 75 16.23 -1.34 8.87
CA ILE A 75 17.23 -0.77 9.82
C ILE A 75 17.78 -1.93 10.62
N SER A 76 19.02 -2.34 10.38
CA SER A 76 19.52 -3.63 10.93
C SER A 76 19.73 -3.54 12.44
N SER A 77 20.00 -2.35 12.96
N SER A 77 20.02 -2.36 12.97
CA SER A 77 20.17 -2.07 14.42
CA SER A 77 20.15 -2.09 14.44
C SER A 77 19.56 -0.70 14.74
C SER A 77 19.58 -0.71 14.77
N GLN A 78 18.33 -0.66 15.26
CA GLN A 78 17.61 0.61 15.60
C GLN A 78 18.42 1.42 16.63
N GLN A 79 18.81 2.65 16.28
CA GLN A 79 19.55 3.59 17.16
C GLN A 79 18.60 4.64 17.73
N PRO A 80 18.93 5.28 18.86
CA PRO A 80 18.11 6.35 19.43
C PRO A 80 17.67 7.44 18.44
N GLU A 81 18.56 7.79 17.50
CA GLU A 81 18.33 8.87 16.51
C GLU A 81 17.43 8.37 15.37
N ASP A 82 17.03 7.09 15.33
CA ASP A 82 16.25 6.50 14.20
C ASP A 82 14.74 6.49 14.48
N PHE A 83 14.33 6.83 15.71
CA PHE A 83 12.89 6.98 16.05
C PHE A 83 12.39 8.20 15.29
N ALA A 84 11.51 7.96 14.31
CA ALA A 84 11.23 8.87 13.17
C ALA A 84 10.13 8.26 12.30
N THR A 85 9.58 9.06 11.39
CA THR A 85 8.63 8.62 10.35
C THR A 85 9.41 8.36 9.06
N TYR A 86 9.16 7.24 8.40
CA TYR A 86 9.76 6.86 7.11
C TYR A 86 8.66 6.86 6.05
N TYR A 87 8.96 7.42 4.89
CA TYR A 87 8.09 7.44 3.68
C TYR A 87 8.82 6.80 2.49
N CYS A 88 8.12 5.93 1.74
CA CYS A 88 8.53 5.51 0.39
C CYS A 88 7.90 6.49 -0.61
N GLN A 89 8.47 6.58 -1.81
CA GLN A 89 8.02 7.48 -2.89
C GLN A 89 8.41 6.86 -4.22
N GLN A 90 7.51 6.84 -5.20
CA GLN A 90 7.80 6.34 -6.58
C GLN A 90 8.12 7.55 -7.47
N ALA A 91 9.16 7.36 -8.29
CA ALA A 91 9.67 8.32 -9.29
C ALA A 91 9.54 7.67 -10.67
N ASN A 92 8.64 6.71 -10.79
CA ASN A 92 8.39 5.97 -12.07
C ASN A 92 7.59 6.86 -13.01
N SER A 93 6.47 7.43 -12.55
CA SER A 93 5.58 8.23 -13.44
C SER A 93 4.83 9.30 -12.65
N PHE A 94 4.51 10.38 -13.33
CA PHE A 94 3.74 11.55 -12.83
C PHE A 94 2.29 11.14 -12.63
N PRO A 95 1.59 11.62 -11.57
CA PRO A 95 2.23 12.38 -10.49
C PRO A 95 3.05 11.51 -9.53
N TYR A 96 4.20 11.99 -9.09
CA TYR A 96 5.03 11.32 -8.07
C TYR A 96 4.19 11.22 -6.78
N THR A 97 4.25 10.06 -6.13
CA THR A 97 3.36 9.73 -5.00
C THR A 97 4.23 9.18 -3.87
N PHE A 98 3.77 9.40 -2.65
CA PHE A 98 4.36 8.95 -1.36
C PHE A 98 3.42 7.91 -0.74
N GLY A 99 3.99 6.92 -0.07
CA GLY A 99 3.27 6.10 0.93
C GLY A 99 2.80 6.95 2.09
N GLN A 100 1.98 6.40 2.98
CA GLN A 100 1.27 7.20 4.01
C GLN A 100 2.20 7.52 5.19
N GLY A 101 3.37 6.87 5.28
CA GLY A 101 4.35 7.11 6.34
C GLY A 101 4.26 6.04 7.41
N THR A 102 5.41 5.64 7.95
CA THR A 102 5.56 4.66 9.05
C THR A 102 6.28 5.34 10.21
N LYS A 103 5.62 5.42 11.36
CA LYS A 103 6.17 6.02 12.58
C LYS A 103 6.85 4.90 13.37
N VAL A 104 8.15 5.00 13.59
CA VAL A 104 8.89 4.05 14.46
C VAL A 104 8.98 4.68 15.85
N GLU A 105 8.34 4.04 16.84
CA GLU A 105 8.17 4.48 18.24
C GLU A 105 8.95 3.53 19.15
N ILE A 106 9.20 3.93 20.38
CA ILE A 106 9.97 3.17 21.40
C ILE A 106 9.07 2.09 22.04
N LYS A 107 9.55 0.85 22.04
CA LYS A 107 8.86 -0.28 22.72
C LYS A 107 9.14 -0.19 24.22
N ARG A 108 8.13 -0.53 25.00
CA ARG A 108 8.15 -0.61 26.49
C ARG A 108 7.00 -1.52 26.87
N THR A 109 6.85 -1.80 28.17
CA THR A 109 5.75 -2.68 28.67
C THR A 109 4.42 -1.93 28.59
N VAL A 110 3.33 -2.70 28.62
CA VAL A 110 1.94 -2.18 28.65
C VAL A 110 1.79 -1.35 29.93
N ALA A 111 1.21 -0.17 29.79
CA ALA A 111 0.84 0.69 30.93
C ALA A 111 -0.58 1.22 30.67
N ALA A 112 -1.50 0.87 31.58
CA ALA A 112 -2.93 1.26 31.51
C ALA A 112 -3.00 2.74 31.84
N PRO A 113 -3.88 3.52 31.18
CA PRO A 113 -4.00 4.95 31.48
C PRO A 113 -4.67 5.17 32.84
N SER A 114 -4.36 6.26 33.55
CA SER A 114 -5.27 6.84 34.56
C SER A 114 -6.30 7.73 33.83
N VAL A 115 -7.56 7.68 34.23
CA VAL A 115 -8.68 8.34 33.50
C VAL A 115 -9.29 9.38 34.42
N PHE A 116 -9.42 10.63 33.95
CA PHE A 116 -9.90 11.82 34.68
C PHE A 116 -10.91 12.53 33.80
N ILE A 117 -12.00 13.03 34.37
CA ILE A 117 -13.02 13.80 33.59
C ILE A 117 -13.18 15.20 34.22
N PHE A 118 -13.50 16.20 33.39
CA PHE A 118 -13.67 17.61 33.80
C PHE A 118 -15.01 18.12 33.26
N PRO A 119 -15.97 18.44 34.14
CA PRO A 119 -17.18 19.14 33.75
C PRO A 119 -16.85 20.51 33.16
N PRO A 120 -17.75 21.13 32.36
CA PRO A 120 -17.49 22.48 31.89
C PRO A 120 -17.45 23.48 33.06
N SER A 121 -16.67 24.55 32.92
CA SER A 121 -16.67 25.70 33.85
C SER A 121 -17.96 26.50 33.66
N ASP A 122 -18.46 27.10 34.74
CA ASP A 122 -19.59 28.07 34.73
C ASP A 122 -19.24 29.23 33.78
N GLU A 123 -18.00 29.72 33.79
CA GLU A 123 -17.48 30.74 32.84
C GLU A 123 -17.89 30.38 31.40
N GLN A 124 -17.49 29.20 30.92
CA GLN A 124 -17.74 28.77 29.52
C GLN A 124 -19.24 28.75 29.25
N LEU A 125 -20.05 28.27 30.20
CA LEU A 125 -21.50 28.15 29.97
C LEU A 125 -22.11 29.53 29.65
N LYS A 126 -21.59 30.62 30.24
CA LYS A 126 -22.07 32.01 30.03
C LYS A 126 -21.96 32.36 28.54
N SER A 127 -20.99 31.78 27.84
CA SER A 127 -20.66 32.07 26.42
C SER A 127 -21.49 31.22 25.46
N GLY A 128 -22.29 30.25 25.95
CA GLY A 128 -23.25 29.49 25.12
C GLY A 128 -22.71 28.15 24.60
N THR A 129 -21.54 27.71 25.08
CA THR A 129 -20.95 26.42 24.65
C THR A 129 -20.53 25.67 25.91
N ALA A 130 -20.52 24.34 25.84
CA ALA A 130 -20.08 23.47 26.95
C ALA A 130 -19.11 22.43 26.40
N SER A 131 -17.90 22.43 26.96
CA SER A 131 -16.81 21.50 26.62
C SER A 131 -16.60 20.60 27.83
N VAL A 132 -16.77 19.30 27.62
CA VAL A 132 -16.42 18.25 28.62
C VAL A 132 -15.09 17.69 28.16
N VAL A 133 -14.12 17.53 29.06
CA VAL A 133 -12.77 17.04 28.70
C VAL A 133 -12.51 15.73 29.43
N CYS A 134 -11.98 14.77 28.71
CA CYS A 134 -11.50 13.48 29.24
C CYS A 134 -9.99 13.39 29.03
N LEU A 135 -9.24 13.06 30.07
CA LEU A 135 -7.78 12.94 30.02
C LEU A 135 -7.38 11.49 30.34
N LEU A 136 -6.58 10.90 29.46
CA LEU A 136 -5.95 9.59 29.69
C LEU A 136 -4.49 9.87 29.88
N ASN A 137 -3.92 9.42 30.98
CA ASN A 137 -2.58 9.84 31.42
C ASN A 137 -1.64 8.64 31.35
N ASN A 138 -0.50 8.79 30.66
CA ASN A 138 0.69 7.91 30.73
C ASN A 138 0.33 6.44 30.48
N PHE A 139 -0.10 6.13 29.25
CA PHE A 139 -0.46 4.77 28.79
C PHE A 139 0.46 4.30 27.65
N TYR A 140 0.57 2.99 27.51
CA TYR A 140 1.27 2.29 26.40
C TYR A 140 0.58 0.96 26.11
N PRO A 141 0.31 0.60 24.84
CA PRO A 141 0.69 1.40 23.68
C PRO A 141 -0.35 2.48 23.30
N ARG A 142 -0.17 3.11 22.15
CA ARG A 142 -0.88 4.36 21.79
C ARG A 142 -2.38 4.09 21.57
N GLU A 143 -2.76 2.88 21.15
CA GLU A 143 -4.15 2.48 20.82
C GLU A 143 -5.01 2.55 22.07
N ALA A 144 -5.91 3.52 22.12
CA ALA A 144 -6.96 3.68 23.16
C ALA A 144 -8.26 4.07 22.45
N LYS A 145 -9.37 3.45 22.84
CA LYS A 145 -10.71 3.85 22.36
C LYS A 145 -11.36 4.68 23.48
N VAL A 146 -11.69 5.92 23.14
CA VAL A 146 -12.35 6.89 24.06
C VAL A 146 -13.72 7.19 23.47
N GLN A 147 -14.77 6.80 24.19
CA GLN A 147 -16.18 6.92 23.75
C GLN A 147 -16.90 7.86 24.71
N TRP A 148 -17.47 8.91 24.17
CA TRP A 148 -18.38 9.80 24.93
C TRP A 148 -19.77 9.17 24.98
N LYS A 149 -20.33 9.12 26.19
CA LYS A 149 -21.76 8.78 26.46
C LYS A 149 -22.41 9.95 27.16
N VAL A 150 -23.43 10.53 26.53
CA VAL A 150 -24.39 11.48 27.16
C VAL A 150 -25.70 10.71 27.45
N ASP A 151 -26.14 10.64 28.70
CA ASP A 151 -27.38 9.89 29.05
C ASP A 151 -27.25 8.48 28.45
N ASN A 152 -26.07 7.87 28.66
CA ASN A 152 -25.72 6.49 28.29
C ASN A 152 -25.85 6.26 26.77
N ALA A 153 -25.81 7.31 25.96
CA ALA A 153 -25.92 7.25 24.48
C ALA A 153 -24.58 7.64 23.86
N LEU A 154 -24.00 6.74 23.05
CA LEU A 154 -22.78 6.94 22.23
C LEU A 154 -22.92 8.21 21.39
N GLN A 155 -21.94 9.11 21.52
CA GLN A 155 -21.83 10.37 20.75
C GLN A 155 -20.91 10.14 19.56
N SER A 156 -21.21 10.78 18.43
CA SER A 156 -20.33 10.83 17.24
C SER A 156 -20.53 12.14 16.50
N GLY A 157 -19.43 12.78 16.08
CA GLY A 157 -19.40 14.01 15.29
C GLY A 157 -19.28 15.28 16.14
N ASN A 158 -19.15 15.16 17.47
CA ASN A 158 -19.13 16.34 18.39
C ASN A 158 -17.94 16.25 19.34
N SER A 159 -16.90 15.48 19.00
CA SER A 159 -15.69 15.41 19.86
C SER A 159 -14.42 15.35 19.01
N GLN A 160 -13.31 15.72 19.63
CA GLN A 160 -11.96 15.75 19.01
C GLN A 160 -10.97 15.30 20.07
N GLU A 161 -9.90 14.64 19.65
CA GLU A 161 -8.87 14.16 20.57
C GLU A 161 -7.50 14.49 19.97
N SER A 162 -6.52 14.51 20.85
CA SER A 162 -5.13 14.94 20.60
C SER A 162 -4.23 14.03 21.46
N VAL A 163 -3.10 13.59 20.92
CA VAL A 163 -2.17 12.68 21.66
C VAL A 163 -0.82 13.40 21.78
N THR A 164 -0.18 13.33 22.94
CA THR A 164 1.21 13.81 23.13
C THR A 164 2.13 12.88 22.35
N GLU A 165 3.33 13.35 21.98
CA GLU A 165 4.43 12.48 21.50
C GLU A 165 4.89 11.64 22.70
N GLN A 166 5.53 10.53 22.40
CA GLN A 166 6.09 9.59 23.40
C GLN A 166 6.90 10.34 24.45
N ASP A 167 6.56 10.14 25.72
CA ASP A 167 7.12 10.87 26.88
C ASP A 167 8.61 10.55 26.96
N SER A 168 9.44 11.51 27.33
CA SER A 168 10.92 11.35 27.33
C SER A 168 11.34 10.55 28.57
N LYS A 169 10.55 10.62 29.65
CA LYS A 169 10.89 10.00 30.96
C LYS A 169 10.43 8.53 31.00
N ASP A 170 9.25 8.17 30.46
CA ASP A 170 8.74 6.78 30.55
C ASP A 170 8.18 6.25 29.23
N SER A 171 8.35 6.97 28.10
CA SER A 171 7.96 6.52 26.74
C SER A 171 6.48 6.14 26.67
N THR A 172 5.65 6.76 27.53
CA THR A 172 4.18 6.61 27.46
C THR A 172 3.60 7.77 26.64
N TYR A 173 2.31 7.67 26.32
CA TYR A 173 1.47 8.70 25.69
C TYR A 173 0.47 9.19 26.72
N SER A 174 -0.11 10.36 26.47
CA SER A 174 -1.32 10.83 27.15
C SER A 174 -2.28 11.35 26.08
N LEU A 175 -3.58 11.28 26.33
CA LEU A 175 -4.59 11.66 25.32
C LEU A 175 -5.53 12.65 26.00
N SER A 176 -5.97 13.69 25.27
CA SER A 176 -7.02 14.60 25.75
C SER A 176 -8.15 14.59 24.73
N SER A 177 -9.38 14.33 25.18
CA SER A 177 -10.56 14.33 24.31
C SER A 177 -11.54 15.38 24.82
N THR A 178 -12.18 16.09 23.90
CA THR A 178 -13.14 17.17 24.19
C THR A 178 -14.46 16.86 23.49
N LEU A 179 -15.51 16.71 24.29
CA LEU A 179 -16.91 16.71 23.82
C LEU A 179 -17.44 18.15 23.92
N THR A 180 -17.91 18.70 22.81
CA THR A 180 -18.41 20.10 22.71
C THR A 180 -19.90 20.09 22.34
N LEU A 181 -20.73 20.70 23.18
CA LEU A 181 -22.20 20.86 22.97
C LEU A 181 -22.53 22.34 23.13
N SER A 182 -23.63 22.81 22.55
CA SER A 182 -24.20 24.15 22.88
C SER A 182 -24.63 24.14 24.34
N LYS A 183 -24.67 25.29 25.01
CA LYS A 183 -25.21 25.34 26.39
C LYS A 183 -26.63 24.72 26.40
N ALA A 184 -27.51 25.09 25.48
CA ALA A 184 -28.92 24.59 25.46
C ALA A 184 -28.94 23.04 25.45
N ASP A 185 -28.09 22.41 24.64
CA ASP A 185 -27.99 20.92 24.52
C ASP A 185 -27.48 20.35 25.84
N TYR A 186 -26.45 20.95 26.43
CA TYR A 186 -25.78 20.46 27.64
C TYR A 186 -26.83 20.33 28.76
N GLU A 187 -27.71 21.33 28.86
CA GLU A 187 -28.72 21.49 29.95
C GLU A 187 -29.84 20.45 29.80
N LYS A 188 -30.03 19.88 28.61
CA LYS A 188 -31.09 18.87 28.30
C LYS A 188 -30.78 17.54 29.00
N HIS A 189 -29.50 17.18 29.10
CA HIS A 189 -29.05 15.83 29.50
C HIS A 189 -28.60 15.87 30.96
N LYS A 190 -28.45 14.73 31.60
CA LYS A 190 -28.17 14.63 33.06
C LYS A 190 -26.77 14.03 33.24
N VAL A 191 -26.42 12.98 32.52
CA VAL A 191 -25.18 12.21 32.83
C VAL A 191 -24.22 12.28 31.64
N TYR A 192 -22.98 12.64 31.95
CA TYR A 192 -21.85 12.77 31.00
C TYR A 192 -20.77 11.78 31.46
N ALA A 193 -20.29 10.97 30.54
CA ALA A 193 -19.36 9.86 30.83
C ALA A 193 -18.33 9.71 29.70
N CYS A 194 -17.14 9.30 30.11
CA CYS A 194 -15.96 9.00 29.27
C CYS A 194 -15.66 7.51 29.48
N GLU A 195 -15.79 6.68 28.44
CA GLU A 195 -15.52 5.22 28.51
C GLU A 195 -14.23 4.96 27.74
N VAL A 196 -13.24 4.40 28.43
CA VAL A 196 -11.87 4.15 27.90
C VAL A 196 -11.64 2.64 27.80
N THR A 197 -11.30 2.16 26.61
CA THR A 197 -10.85 0.77 26.36
C THR A 197 -9.36 0.78 26.02
N HIS A 198 -8.58 -0.10 26.66
CA HIS A 198 -7.11 -0.18 26.52
C HIS A 198 -6.60 -1.56 26.97
N GLN A 199 -5.65 -2.10 26.23
CA GLN A 199 -5.00 -3.42 26.47
C GLN A 199 -4.48 -3.54 27.92
N GLY A 200 -4.23 -2.44 28.63
CA GLY A 200 -3.70 -2.46 30.00
C GLY A 200 -4.77 -2.57 31.07
N LEU A 201 -6.03 -2.37 30.70
CA LEU A 201 -7.20 -2.40 31.63
C LEU A 201 -7.87 -3.77 31.52
N SER A 202 -8.14 -4.44 32.65
CA SER A 202 -8.84 -5.75 32.69
C SER A 202 -10.26 -5.60 32.13
N SER A 203 -10.85 -4.39 32.13
CA SER A 203 -12.14 -4.09 31.46
C SER A 203 -12.28 -2.58 31.28
N PRO A 204 -13.25 -2.07 30.49
CA PRO A 204 -13.37 -0.65 30.25
C PRO A 204 -13.60 0.12 31.56
N VAL A 205 -12.91 1.25 31.68
CA VAL A 205 -13.01 2.21 32.82
C VAL A 205 -13.91 3.37 32.35
N THR A 206 -14.93 3.67 33.13
CA THR A 206 -15.86 4.81 32.88
C THR A 206 -15.69 5.81 34.00
N LYS A 207 -15.56 7.09 33.65
CA LYS A 207 -15.61 8.22 34.60
C LYS A 207 -16.81 9.03 34.15
N SER A 208 -17.69 9.41 35.06
CA SER A 208 -18.94 10.10 34.70
C SER A 208 -19.32 11.13 35.77
N PHE A 209 -20.18 12.07 35.43
CA PHE A 209 -20.66 13.08 36.39
C PHE A 209 -22.09 13.48 36.03
N ASN A 210 -22.83 13.98 37.01
CA ASN A 210 -24.20 14.52 36.84
C ASN A 210 -24.15 16.03 36.72
N ARG A 211 -24.54 16.57 35.57
CA ARG A 211 -24.85 18.01 35.44
C ARG A 211 -25.91 18.34 36.51
N GLY A 212 -25.66 19.32 37.36
CA GLY A 212 -26.66 19.64 38.39
C GLY A 212 -26.16 19.28 39.78
N GLU A 213 -25.35 18.22 39.87
CA GLU A 213 -24.56 17.84 41.06
C GLU A 213 -23.18 18.54 41.09
N CYS A 214 -22.75 19.21 40.00
CA CYS A 214 -21.41 19.88 39.91
C CYS A 214 -21.55 21.40 39.76
N GLU B 1 27.55 26.39 0.32
CA GLU B 1 26.62 25.43 1.02
C GLU B 1 25.29 25.41 0.27
N VAL B 2 24.76 24.21 -0.03
CA VAL B 2 23.47 24.06 -0.76
C VAL B 2 22.34 24.49 0.17
N GLN B 3 21.57 25.48 -0.26
CA GLN B 3 20.45 26.05 0.51
C GLN B 3 19.26 26.27 -0.43
N LEU B 4 18.08 25.79 -0.01
CA LEU B 4 16.78 26.21 -0.56
C LEU B 4 16.09 26.93 0.60
N VAL B 5 15.70 28.18 0.40
CA VAL B 5 15.07 29.00 1.47
C VAL B 5 13.72 29.50 0.95
N GLU B 6 12.63 29.00 1.50
CA GLU B 6 11.27 29.37 1.04
C GLU B 6 10.91 30.71 1.67
N SER B 7 10.08 31.48 0.96
CA SER B 7 9.50 32.74 1.45
C SER B 7 8.14 32.92 0.77
N GLY B 8 7.28 33.78 1.32
CA GLY B 8 5.94 34.06 0.77
C GLY B 8 4.84 33.32 1.53
N GLY B 9 5.19 32.56 2.58
CA GLY B 9 4.20 31.89 3.44
C GLY B 9 3.34 32.89 4.21
N GLY B 10 2.16 32.47 4.65
CA GLY B 10 1.22 33.35 5.38
C GLY B 10 -0.19 32.82 5.38
N PHE B 11 -1.15 33.71 5.51
CA PHE B 11 -2.60 33.39 5.65
C PHE B 11 -3.27 33.94 4.42
N VAL B 12 -4.34 33.29 3.98
CA VAL B 12 -5.07 33.69 2.75
C VAL B 12 -6.49 33.17 2.91
N GLN B 13 -7.47 33.97 2.49
CA GLN B 13 -8.89 33.60 2.48
C GLN B 13 -9.07 32.50 1.44
N PRO B 14 -10.04 31.58 1.63
CA PRO B 14 -10.44 30.64 0.60
C PRO B 14 -10.90 31.35 -0.69
N GLY B 15 -10.41 30.89 -1.83
CA GLY B 15 -10.68 31.47 -3.17
C GLY B 15 -9.58 32.43 -3.56
N GLY B 16 -8.67 32.69 -2.61
CA GLY B 16 -7.59 33.71 -2.71
C GLY B 16 -6.37 33.12 -3.39
N SER B 17 -5.36 33.95 -3.61
CA SER B 17 -4.10 33.63 -4.32
C SER B 17 -2.92 33.94 -3.41
N LEU B 18 -1.83 33.23 -3.57
CA LEU B 18 -0.60 33.39 -2.74
C LEU B 18 0.55 32.84 -3.56
N ARG B 19 1.61 33.63 -3.73
CA ARG B 19 2.81 33.27 -4.51
C ARG B 19 3.91 32.89 -3.52
N LEU B 20 4.41 31.66 -3.59
CA LEU B 20 5.60 31.23 -2.81
C LEU B 20 6.81 31.36 -3.74
N SER B 21 7.97 31.56 -3.13
CA SER B 21 9.26 31.72 -3.82
C SER B 21 10.31 30.91 -3.07
N CYS B 22 11.34 30.51 -3.78
CA CYS B 22 12.47 29.72 -3.24
C CYS B 22 13.77 30.34 -3.74
N ALA B 23 14.64 30.78 -2.83
CA ALA B 23 15.98 31.27 -3.19
C ALA B 23 16.94 30.07 -3.05
N ALA B 24 17.46 29.60 -4.17
CA ALA B 24 18.45 28.50 -4.24
C ALA B 24 19.86 29.07 -4.17
N SER B 25 20.81 28.36 -3.55
CA SER B 25 22.22 28.79 -3.45
C SER B 25 23.14 27.58 -3.37
N GLY B 26 24.35 27.70 -3.94
CA GLY B 26 25.44 26.72 -3.78
C GLY B 26 25.32 25.58 -4.79
N PHE B 27 24.53 25.76 -5.86
CA PHE B 27 24.55 24.85 -7.06
C PHE B 27 24.07 25.59 -8.32
N THR B 28 24.26 24.97 -9.48
CA THR B 28 23.91 25.54 -10.81
C THR B 28 22.41 25.35 -11.07
N PHE B 29 21.60 26.20 -10.45
CA PHE B 29 20.13 26.10 -10.37
C PHE B 29 19.53 25.69 -11.73
N SER B 30 19.91 26.37 -12.80
CA SER B 30 19.25 26.31 -14.13
C SER B 30 19.35 24.89 -14.71
N ASN B 31 20.30 24.09 -14.23
CA ASN B 31 20.55 22.71 -14.68
C ASN B 31 19.67 21.68 -13.97
N PHE B 32 18.93 22.07 -12.92
CA PHE B 32 18.22 21.10 -12.05
C PHE B 32 16.72 21.17 -12.30
N ASP B 33 16.08 19.99 -12.33
CA ASP B 33 14.62 19.83 -12.07
C ASP B 33 14.33 20.29 -10.64
N MET B 34 13.36 21.19 -10.49
CA MET B 34 12.93 21.67 -9.15
C MET B 34 11.49 21.21 -8.89
N HIS B 35 11.13 20.99 -7.62
CA HIS B 35 9.78 20.51 -7.21
C HIS B 35 9.27 21.21 -5.95
N TRP B 36 7.93 21.23 -5.82
CA TRP B 36 7.18 21.56 -4.58
C TRP B 36 6.49 20.30 -4.02
N VAL B 37 6.74 20.04 -2.74
CA VAL B 37 6.10 18.98 -1.93
C VAL B 37 5.47 19.66 -0.72
N ARG B 38 4.26 19.25 -0.33
CA ARG B 38 3.57 19.85 0.82
C ARG B 38 3.24 18.76 1.81
N GLN B 39 2.90 19.17 3.03
CA GLN B 39 2.54 18.27 4.16
C GLN B 39 1.51 19.01 5.02
N SER B 40 0.26 18.55 5.02
CA SER B 40 -0.83 18.99 5.95
C SER B 40 -0.44 18.62 7.38
N PRO B 41 -0.81 19.45 8.39
CA PRO B 41 -0.48 19.15 9.79
C PRO B 41 -0.93 17.74 10.20
N GLY B 42 0.00 16.94 10.76
CA GLY B 42 -0.24 15.58 11.27
C GLY B 42 -0.36 14.52 10.18
N LYS B 43 -0.27 14.92 8.91
CA LYS B 43 -0.46 14.03 7.73
C LYS B 43 0.90 13.90 7.03
N GLY B 44 0.94 13.21 5.88
CA GLY B 44 2.17 12.89 5.16
C GLY B 44 2.40 13.78 3.96
N LEU B 45 3.34 13.37 3.12
CA LEU B 45 3.92 14.19 2.04
C LEU B 45 3.12 14.00 0.75
N GLU B 46 2.96 15.09 0.00
CA GLU B 46 2.23 15.09 -1.29
C GLU B 46 3.02 15.94 -2.27
N TRP B 47 3.43 15.33 -3.37
CA TRP B 47 4.05 16.06 -4.50
C TRP B 47 2.97 16.95 -5.12
N VAL B 48 3.28 18.24 -5.31
CA VAL B 48 2.37 19.29 -5.82
C VAL B 48 2.71 19.55 -7.30
N SER B 49 3.98 19.85 -7.55
CA SER B 49 4.41 20.41 -8.83
C SER B 49 5.90 20.23 -9.05
N GLY B 50 6.27 20.09 -10.31
CA GLY B 50 7.65 19.99 -10.80
C GLY B 50 7.83 20.79 -12.08
N LEU B 51 9.03 21.33 -12.24
CA LEU B 51 9.45 22.10 -13.42
C LEU B 51 10.82 21.55 -13.81
N ASP B 52 10.89 20.98 -14.99
CA ASP B 52 12.14 20.37 -15.48
C ASP B 52 13.16 21.42 -15.91
N HIS B 53 14.43 21.05 -15.82
CA HIS B 53 15.55 21.86 -16.34
C HIS B 53 15.23 22.33 -17.78
N SER B 54 14.50 21.52 -18.54
CA SER B 54 14.17 21.83 -19.96
C SER B 54 12.80 22.52 -20.09
N GLY B 55 12.15 22.89 -18.99
CA GLY B 55 10.97 23.79 -19.02
C GLY B 55 9.62 23.07 -18.93
N GLY B 56 9.55 21.75 -19.14
CA GLY B 56 8.28 21.01 -18.98
C GLY B 56 7.70 21.12 -17.56
N ALA B 57 6.41 21.44 -17.43
CA ALA B 57 5.73 21.61 -16.13
C ALA B 57 4.82 20.42 -15.84
N HIS B 58 4.82 19.98 -14.58
CA HIS B 58 4.09 18.79 -14.08
C HIS B 58 3.31 19.20 -12.83
N TYR B 59 2.01 18.90 -12.79
CA TYR B 59 1.11 19.24 -11.68
C TYR B 59 0.43 17.98 -11.16
N ALA B 60 0.27 17.87 -9.85
CA ALA B 60 -0.62 16.86 -9.23
C ALA B 60 -2.06 17.19 -9.66
N GLY B 61 -2.93 16.19 -9.80
CA GLY B 61 -4.32 16.36 -10.25
C GLY B 61 -5.11 17.32 -9.36
N SER B 62 -4.89 17.27 -8.06
CA SER B 62 -5.58 18.12 -7.05
C SER B 62 -5.30 19.60 -7.31
N VAL B 63 -4.22 19.95 -8.01
CA VAL B 63 -3.76 21.36 -8.14
C VAL B 63 -3.74 21.83 -9.60
N LYS B 64 -3.92 20.93 -10.58
CA LYS B 64 -3.84 21.28 -12.03
C LYS B 64 -4.88 22.36 -12.35
N GLY B 65 -4.47 23.45 -13.03
CA GLY B 65 -5.32 24.58 -13.42
C GLY B 65 -5.53 25.61 -12.32
N ARG B 66 -5.05 25.35 -11.11
CA ARG B 66 -5.11 26.30 -9.95
C ARG B 66 -3.71 26.82 -9.63
N PHE B 67 -2.69 25.96 -9.75
CA PHE B 67 -1.29 26.25 -9.38
C PHE B 67 -0.46 26.45 -10.66
N THR B 68 0.46 27.40 -10.63
CA THR B 68 1.45 27.69 -11.70
C THR B 68 2.84 27.69 -11.06
N ILE B 69 3.74 26.85 -11.59
CA ILE B 69 5.16 26.75 -11.17
C ILE B 69 6.00 27.46 -12.24
N SER B 70 7.05 28.16 -11.81
CA SER B 70 7.97 28.87 -12.72
C SER B 70 9.31 29.05 -12.05
N ARG B 71 10.31 29.36 -12.86
CA ARG B 71 11.73 29.56 -12.47
C ARG B 71 12.24 30.82 -13.16
N GLU B 72 13.15 31.50 -12.49
CA GLU B 72 13.97 32.60 -13.01
C GLU B 72 15.42 32.16 -12.77
N ASP B 73 16.03 31.54 -13.78
CA ASP B 73 17.39 30.94 -13.72
C ASP B 73 18.38 32.01 -13.31
N ALA B 74 18.22 33.25 -13.80
CA ALA B 74 19.16 34.37 -13.53
C ALA B 74 19.14 34.71 -12.04
N LYS B 75 17.98 34.61 -11.39
CA LYS B 75 17.80 35.00 -9.97
C LYS B 75 17.90 33.78 -9.05
N ASN B 76 18.23 32.60 -9.56
CA ASN B 76 18.25 31.31 -8.80
C ASN B 76 16.94 31.14 -8.00
N SER B 77 15.78 31.46 -8.61
CA SER B 77 14.49 31.42 -7.89
C SER B 77 13.50 30.46 -8.56
N LEU B 78 12.76 29.72 -7.73
CA LEU B 78 11.55 28.94 -8.11
C LEU B 78 10.32 29.56 -7.46
N ASP B 79 9.24 29.75 -8.23
CA ASP B 79 7.98 30.31 -7.71
C ASP B 79 6.84 29.32 -7.87
N LEU B 80 5.93 29.29 -6.90
CA LEU B 80 4.61 28.61 -7.02
C LEU B 80 3.47 29.61 -6.80
N GLN B 81 2.71 29.92 -7.85
CA GLN B 81 1.51 30.78 -7.75
C GLN B 81 0.29 29.88 -7.49
N MET B 82 -0.32 30.02 -6.33
CA MET B 82 -1.48 29.20 -5.92
C MET B 82 -2.74 30.06 -6.05
N ASN B 83 -3.81 29.52 -6.63
CA ASN B 83 -5.08 30.24 -6.85
C ASN B 83 -6.23 29.36 -6.42
N ASN B 84 -7.43 29.94 -6.34
CA ASN B 84 -8.67 29.21 -5.95
C ASN B 84 -8.32 28.30 -4.76
N LEU B 85 -7.61 28.85 -3.78
CA LEU B 85 -7.12 28.09 -2.60
C LEU B 85 -8.32 27.64 -1.78
N ARG B 86 -8.25 26.42 -1.27
CA ARG B 86 -9.27 25.78 -0.41
C ARG B 86 -8.60 25.43 0.92
N VAL B 87 -9.40 25.24 1.96
CA VAL B 87 -8.92 24.96 3.35
C VAL B 87 -7.96 23.77 3.31
N ASP B 88 -8.22 22.80 2.46
CA ASP B 88 -7.48 21.51 2.43
C ASP B 88 -6.11 21.70 1.76
N ASP B 89 -5.81 22.90 1.24
CA ASP B 89 -4.48 23.27 0.69
C ASP B 89 -3.55 23.79 1.81
N THR B 90 -4.10 24.02 3.01
CA THR B 90 -3.32 24.41 4.23
C THR B 90 -2.20 23.38 4.44
N ALA B 91 -0.94 23.80 4.38
CA ALA B 91 0.17 22.84 4.51
C ALA B 91 1.48 23.58 4.68
N VAL B 92 2.50 22.88 5.19
CA VAL B 92 3.91 23.32 5.03
C VAL B 92 4.29 22.98 3.59
N TYR B 93 4.73 23.96 2.81
CA TYR B 93 5.18 23.76 1.41
C TYR B 93 6.72 23.72 1.41
N PHE B 94 7.33 22.68 0.89
CA PHE B 94 8.81 22.55 0.79
C PHE B 94 9.22 22.76 -0.66
N CYS B 95 10.21 23.61 -0.86
CA CYS B 95 11.08 23.67 -2.07
C CYS B 95 11.99 22.44 -2.04
N VAL B 96 12.15 21.76 -3.18
CA VAL B 96 12.84 20.44 -3.28
C VAL B 96 13.62 20.40 -4.60
N ARG B 97 14.89 20.02 -4.55
CA ARG B 97 15.74 19.81 -5.74
C ARG B 97 15.58 18.35 -6.15
N GLY B 98 15.17 18.13 -7.40
CA GLY B 98 15.21 16.82 -8.05
C GLY B 98 16.65 16.46 -8.28
N THR B 99 17.04 15.23 -8.00
CA THR B 99 18.43 14.73 -8.19
C THR B 99 18.88 14.96 -9.64
N LEU B 100 20.19 15.09 -9.79
CA LEU B 100 20.89 15.13 -11.09
C LEU B 100 22.13 14.26 -10.93
N TYR B 101 22.01 13.01 -11.37
CA TYR B 101 23.02 11.94 -11.19
C TYR B 101 23.73 11.75 -12.53
N HIS B 102 25.04 11.57 -12.47
CA HIS B 102 25.92 11.47 -13.67
C HIS B 102 26.49 10.05 -13.80
N TYR B 103 26.31 9.45 -14.98
CA TYR B 103 26.78 8.10 -15.36
C TYR B 103 27.57 8.19 -16.67
N THR B 104 28.27 7.11 -16.99
CA THR B 104 29.00 6.97 -18.27
C THR B 104 28.00 7.20 -19.40
N SER B 105 26.72 6.85 -19.18
CA SER B 105 25.64 6.95 -20.19
C SER B 105 25.03 8.35 -20.21
N GLY B 106 25.38 9.21 -19.24
CA GLY B 106 24.96 10.62 -19.22
C GLY B 106 24.29 11.02 -17.93
N SER B 107 23.34 11.95 -18.05
CA SER B 107 22.69 12.68 -16.94
C SER B 107 21.26 12.17 -16.79
N TYR B 108 20.78 12.05 -15.55
CA TYR B 108 19.43 11.54 -15.23
C TYR B 108 18.83 12.47 -14.18
N TYR B 109 17.56 12.82 -14.34
CA TYR B 109 16.90 13.90 -13.57
C TYR B 109 15.77 13.33 -12.72
N SER B 110 15.73 13.69 -11.44
CA SER B 110 14.53 13.58 -10.57
C SER B 110 14.24 12.13 -10.25
N ASP B 111 15.28 11.29 -10.22
CA ASP B 111 15.21 9.92 -9.67
C ASP B 111 14.69 10.03 -8.24
N ALA B 112 15.10 11.06 -7.51
CA ALA B 112 14.69 11.31 -6.10
C ALA B 112 14.70 12.82 -5.84
N PHE B 113 14.45 13.20 -4.59
CA PHE B 113 14.48 14.58 -4.06
C PHE B 113 15.57 14.69 -3.00
N ASP B 114 16.74 15.23 -3.34
CA ASP B 114 17.95 15.10 -2.51
C ASP B 114 18.06 16.27 -1.53
N ILE B 115 17.59 17.47 -1.90
CA ILE B 115 17.71 18.71 -1.08
C ILE B 115 16.30 19.27 -0.84
N TRP B 116 15.93 19.40 0.44
CA TRP B 116 14.66 19.99 0.91
C TRP B 116 14.96 21.27 1.67
N GLY B 117 14.30 22.39 1.31
CA GLY B 117 14.25 23.56 2.19
C GLY B 117 13.43 23.24 3.44
N GLN B 118 13.41 24.11 4.45
CA GLN B 118 12.78 23.77 5.77
C GLN B 118 11.27 24.03 5.70
N GLY B 119 10.78 24.59 4.60
CA GLY B 119 9.36 24.66 4.28
C GLY B 119 8.73 25.89 4.87
N THR B 120 7.68 26.40 4.24
CA THR B 120 6.96 27.60 4.69
C THR B 120 5.49 27.19 4.86
N LEU B 121 4.85 27.67 5.92
CA LEU B 121 3.44 27.32 6.22
C LEU B 121 2.49 28.24 5.45
N VAL B 122 1.49 27.65 4.80
CA VAL B 122 0.37 28.38 4.15
C VAL B 122 -0.92 27.93 4.82
N THR B 123 -1.63 28.85 5.46
CA THR B 123 -2.91 28.60 6.12
C THR B 123 -4.00 29.25 5.27
N VAL B 124 -4.93 28.45 4.77
CA VAL B 124 -6.12 28.94 4.03
C VAL B 124 -7.30 28.84 5.01
N SER B 125 -7.79 29.97 5.49
CA SER B 125 -8.81 30.10 6.57
C SER B 125 -9.63 31.36 6.33
N SER B 126 -10.94 31.34 6.58
CA SER B 126 -11.72 32.59 6.56
C SER B 126 -11.71 33.20 7.97
N ALA B 127 -10.93 32.64 8.90
CA ALA B 127 -10.78 33.16 10.28
C ALA B 127 -9.82 34.35 10.27
N SER B 128 -10.07 35.33 11.13
CA SER B 128 -9.08 36.40 11.44
C SER B 128 -8.61 36.23 12.89
N VAL B 129 -7.57 36.95 13.27
CA VAL B 129 -6.85 36.77 14.57
C VAL B 129 -7.87 36.89 15.69
N LYS B 130 -7.94 35.89 16.56
CA LYS B 130 -8.78 35.92 17.78
C LYS B 130 -7.99 35.30 18.93
N GLY B 131 -7.93 36.01 20.06
CA GLY B 131 -7.28 35.54 21.29
C GLY B 131 -8.11 34.44 21.92
N PRO B 132 -7.48 33.53 22.68
CA PRO B 132 -8.19 32.42 23.32
C PRO B 132 -9.04 32.87 24.53
N SER B 133 -10.14 32.16 24.75
CA SER B 133 -10.86 32.05 26.04
C SER B 133 -10.20 30.90 26.81
N VAL B 134 -9.72 31.15 28.03
CA VAL B 134 -9.07 30.09 28.86
C VAL B 134 -10.02 29.74 30.01
N PHE B 135 -10.47 28.50 30.06
CA PHE B 135 -11.38 27.94 31.08
C PHE B 135 -10.57 26.97 31.93
N PRO B 136 -10.77 26.94 33.27
CA PRO B 136 -10.15 25.92 34.09
C PRO B 136 -10.74 24.53 33.79
N LEU B 137 -9.88 23.52 33.87
CA LEU B 137 -10.24 22.09 34.12
C LEU B 137 -9.97 21.88 35.60
N ALA B 138 -10.97 22.20 36.42
CA ALA B 138 -10.88 22.23 37.89
C ALA B 138 -10.74 20.81 38.41
N PRO B 139 -9.82 20.55 39.37
CA PRO B 139 -9.75 19.24 40.02
C PRO B 139 -10.95 19.00 40.94
N SER B 140 -11.42 17.74 41.03
CA SER B 140 -12.71 17.50 41.74
C SER B 140 -12.70 16.31 42.73
N SER B 141 -13.92 15.82 42.99
CA SER B 141 -14.28 14.77 43.98
C SER B 141 -14.03 13.41 43.33
N LYS B 142 -12.75 13.10 43.19
CA LYS B 142 -12.31 11.85 42.52
C LYS B 142 -12.68 11.89 41.03
N SER B 143 -13.49 12.85 40.57
CA SER B 143 -13.85 12.92 39.12
C SER B 143 -12.57 13.12 38.31
N THR B 144 -11.58 13.80 38.89
CA THR B 144 -10.22 14.00 38.32
C THR B 144 -9.16 13.58 39.35
N SER B 145 -9.49 12.67 40.25
CA SER B 145 -8.56 12.22 41.33
C SER B 145 -8.33 10.72 41.32
N GLY B 146 -7.14 10.28 41.68
CA GLY B 146 -6.83 8.84 41.80
C GLY B 146 -5.98 8.53 43.00
N GLY B 147 -5.64 9.52 43.82
CA GLY B 147 -4.52 9.59 44.80
C GLY B 147 -3.62 10.72 44.28
N THR B 148 -3.63 10.87 42.98
CA THR B 148 -3.07 11.97 42.21
C THR B 148 -4.29 12.75 41.72
N ALA B 149 -4.17 14.05 41.68
CA ALA B 149 -5.20 14.91 41.07
C ALA B 149 -4.67 15.46 39.74
N ALA B 150 -5.51 15.43 38.72
CA ALA B 150 -5.30 16.14 37.44
C ALA B 150 -6.07 17.44 37.51
N LEU B 151 -5.47 18.52 37.01
CA LEU B 151 -6.11 19.83 36.76
C LEU B 151 -5.48 20.38 35.47
N GLY B 152 -6.06 21.43 34.88
CA GLY B 152 -5.62 21.89 33.57
C GLY B 152 -6.29 23.16 33.12
N CYS B 153 -5.93 23.60 31.93
CA CYS B 153 -6.49 24.79 31.26
C CYS B 153 -7.00 24.36 29.88
N LEU B 154 -8.26 24.70 29.59
CA LEU B 154 -8.82 24.55 28.24
C LEU B 154 -8.69 25.88 27.53
N VAL B 155 -7.81 25.93 26.52
CA VAL B 155 -7.50 27.12 25.68
C VAL B 155 -8.34 27.03 24.41
N LYS B 156 -9.45 27.77 24.34
CA LYS B 156 -10.54 27.47 23.36
C LYS B 156 -10.77 28.68 22.43
N ASP B 157 -10.96 28.40 21.14
CA ASP B 157 -11.49 29.35 20.11
C ASP B 157 -10.49 30.48 19.88
N TYR B 158 -9.29 30.16 19.41
CA TYR B 158 -8.24 31.13 19.03
C TYR B 158 -7.76 30.86 17.59
N PHE B 159 -7.15 31.88 16.99
CA PHE B 159 -6.55 31.86 15.64
C PHE B 159 -5.54 32.99 15.55
N PRO B 160 -4.40 32.78 14.87
CA PRO B 160 -4.00 31.45 14.39
C PRO B 160 -3.15 30.73 15.44
N GLU B 161 -2.52 29.62 15.08
CA GLU B 161 -1.50 28.97 15.95
C GLU B 161 -0.28 29.89 15.98
N PRO B 162 0.61 29.81 17.00
CA PRO B 162 0.44 28.91 18.14
C PRO B 162 0.10 29.59 19.48
N VAL B 163 -0.19 28.80 20.51
CA VAL B 163 -0.13 29.25 21.94
C VAL B 163 0.95 28.43 22.64
N THR B 164 1.63 29.03 23.61
CA THR B 164 2.51 28.32 24.58
C THR B 164 1.82 28.35 25.95
N VAL B 165 2.06 27.33 26.78
CA VAL B 165 1.52 27.24 28.16
C VAL B 165 2.66 26.86 29.10
N SER B 166 2.81 27.60 30.20
CA SER B 166 3.59 27.18 31.38
C SER B 166 2.66 27.18 32.60
N TRP B 167 3.13 26.58 33.69
CA TRP B 167 2.38 26.47 34.95
C TRP B 167 3.20 27.13 36.06
N ASN B 168 2.57 28.05 36.81
CA ASN B 168 3.15 28.76 37.97
C ASN B 168 4.43 29.47 37.53
N SER B 169 4.35 30.17 36.38
CA SER B 169 5.46 30.94 35.76
C SER B 169 6.65 30.02 35.47
N GLY B 170 6.43 28.75 35.15
CA GLY B 170 7.53 27.82 34.80
C GLY B 170 8.15 27.14 36.00
N ALA B 171 7.69 27.40 37.24
CA ALA B 171 8.16 26.69 38.46
C ALA B 171 7.64 25.26 38.48
N LEU B 172 6.50 24.99 37.83
CA LEU B 172 5.85 23.66 37.79
C LEU B 172 6.04 23.08 36.39
N THR B 173 6.83 22.01 36.27
CA THR B 173 7.17 21.36 34.97
C THR B 173 6.87 19.86 35.05
N SER B 174 7.24 19.23 36.15
CA SER B 174 6.97 17.80 36.45
C SER B 174 5.47 17.52 36.33
N GLY B 175 5.10 16.58 35.44
CA GLY B 175 3.71 16.10 35.29
C GLY B 175 2.92 16.87 34.24
N VAL B 176 3.52 17.84 33.55
CA VAL B 176 2.76 18.74 32.62
C VAL B 176 2.60 18.06 31.24
N HIS B 177 1.39 18.06 30.69
CA HIS B 177 1.12 17.62 29.30
C HIS B 177 0.35 18.73 28.61
N THR B 178 0.97 19.38 27.61
CA THR B 178 0.31 20.38 26.73
C THR B 178 0.06 19.69 25.39
N PHE B 179 -1.18 19.53 25.01
CA PHE B 179 -1.58 18.72 23.85
C PHE B 179 -1.49 19.55 22.58
N PRO B 180 -1.30 18.87 21.43
CA PRO B 180 -1.49 19.49 20.13
C PRO B 180 -2.90 20.09 20.09
N ALA B 181 -3.04 21.30 19.57
CA ALA B 181 -4.31 21.97 19.25
C ALA B 181 -5.12 21.10 18.29
N VAL B 182 -6.43 21.21 18.35
CA VAL B 182 -7.32 20.68 17.31
C VAL B 182 -7.94 21.87 16.60
N LEU B 183 -8.16 21.76 15.30
CA LEU B 183 -8.91 22.75 14.51
C LEU B 183 -10.37 22.32 14.51
N GLN B 184 -11.22 23.09 15.16
CA GLN B 184 -12.68 22.82 15.27
C GLN B 184 -13.34 23.16 13.93
N SER B 185 -14.58 22.72 13.71
CA SER B 185 -15.35 22.99 12.48
C SER B 185 -15.55 24.50 12.28
N SER B 186 -15.52 25.29 13.36
CA SER B 186 -15.66 26.77 13.30
C SER B 186 -14.46 27.41 12.60
N GLY B 187 -13.36 26.66 12.44
CA GLY B 187 -12.09 27.18 11.91
C GLY B 187 -11.23 27.79 13.00
N LEU B 188 -11.62 27.64 14.26
CA LEU B 188 -10.81 28.11 15.41
C LEU B 188 -10.18 26.92 16.14
N TYR B 189 -9.02 27.18 16.75
CA TYR B 189 -8.21 26.15 17.44
C TYR B 189 -8.66 26.08 18.90
N SER B 190 -8.43 24.90 19.46
CA SER B 190 -8.56 24.63 20.90
C SER B 190 -7.41 23.72 21.34
N LEU B 191 -6.77 24.01 22.48
CA LEU B 191 -5.90 23.01 23.13
C LEU B 191 -6.15 22.96 24.62
N SER B 192 -5.57 21.94 25.23
CA SER B 192 -5.61 21.69 26.68
C SER B 192 -4.17 21.48 27.16
N SER B 193 -3.94 21.93 28.38
CA SER B 193 -2.71 21.69 29.15
C SER B 193 -3.19 21.18 30.49
N VAL B 194 -2.57 20.12 30.97
CA VAL B 194 -2.95 19.47 32.25
C VAL B 194 -1.66 19.15 33.00
N VAL B 195 -1.80 18.93 34.29
CA VAL B 195 -0.69 18.52 35.17
C VAL B 195 -1.31 17.61 36.22
N THR B 196 -0.58 16.58 36.63
CA THR B 196 -0.95 15.73 37.78
C THR B 196 -0.14 16.20 38.98
N VAL B 197 -0.82 16.31 40.13
CA VAL B 197 -0.26 16.84 41.39
C VAL B 197 -0.75 15.97 42.54
N PRO B 198 -0.12 16.03 43.73
CA PRO B 198 -0.69 15.40 44.91
C PRO B 198 -2.09 15.96 45.21
N SER B 199 -3.08 15.09 45.40
CA SER B 199 -4.48 15.51 45.69
C SER B 199 -4.55 16.22 47.05
N SER B 200 -3.54 16.00 47.93
CA SER B 200 -3.44 16.61 49.28
C SER B 200 -3.13 18.12 49.20
N SER B 201 -2.62 18.60 48.07
CA SER B 201 -2.23 20.03 47.85
C SER B 201 -3.42 20.87 47.34
N LEU B 202 -4.55 20.24 47.00
CA LEU B 202 -5.67 20.92 46.30
C LEU B 202 -6.27 22.02 47.19
N GLY B 203 -6.33 21.84 48.49
CA GLY B 203 -6.80 22.92 49.38
C GLY B 203 -5.95 24.18 49.22
N THR B 204 -4.63 24.02 49.18
CA THR B 204 -3.64 25.00 49.69
C THR B 204 -2.73 25.56 48.58
N GLN B 205 -2.23 24.71 47.68
CA GLN B 205 -1.24 25.12 46.64
C GLN B 205 -1.95 25.83 45.48
N THR B 206 -1.44 26.98 45.07
CA THR B 206 -1.95 27.77 43.92
C THR B 206 -1.38 27.17 42.62
N TYR B 207 -2.26 26.95 41.64
CA TYR B 207 -1.94 26.42 40.30
C TYR B 207 -2.50 27.41 39.27
N ILE B 208 -1.59 28.01 38.51
CA ILE B 208 -1.86 29.08 37.52
C ILE B 208 -1.26 28.61 36.20
N CYS B 209 -2.06 28.55 35.15
CA CYS B 209 -1.59 28.29 33.76
C CYS B 209 -1.37 29.62 33.06
N ASN B 210 -0.19 29.79 32.49
CA ASN B 210 0.23 31.01 31.76
C ASN B 210 0.10 30.68 30.27
N VAL B 211 -0.93 31.27 29.64
CA VAL B 211 -1.33 31.03 28.23
C VAL B 211 -0.93 32.26 27.41
N ASN B 212 0.02 32.11 26.51
CA ASN B 212 0.53 33.18 25.62
C ASN B 212 0.04 32.89 24.20
N HIS B 213 -0.78 33.76 23.63
CA HIS B 213 -1.13 33.72 22.20
C HIS B 213 -0.20 34.70 21.50
N LYS B 214 0.99 34.20 21.17
CA LYS B 214 2.10 34.95 20.50
C LYS B 214 1.52 35.84 19.40
N PRO B 215 0.64 35.34 18.50
CA PRO B 215 0.14 36.11 17.37
C PRO B 215 -0.89 37.21 17.62
N SER B 216 -1.48 37.27 18.82
CA SER B 216 -2.35 38.38 19.25
C SER B 216 -1.69 39.08 20.46
N ASN B 217 -2.40 40.04 21.05
CA ASN B 217 -1.86 40.85 22.17
C ASN B 217 -2.13 40.11 23.47
N THR B 218 -2.66 38.89 23.40
CA THR B 218 -3.30 38.17 24.54
C THR B 218 -2.26 37.34 25.28
N LYS B 219 -2.23 37.51 26.60
CA LYS B 219 -1.70 36.53 27.58
C LYS B 219 -2.70 36.44 28.73
N VAL B 220 -2.88 35.22 29.26
CA VAL B 220 -3.93 34.87 30.25
C VAL B 220 -3.27 34.01 31.34
N ASP B 221 -3.16 34.56 32.54
CA ASP B 221 -2.90 33.81 33.80
C ASP B 221 -4.25 33.42 34.37
N LYS B 222 -4.59 32.13 34.28
CA LYS B 222 -5.81 31.53 34.87
C LYS B 222 -5.43 30.69 36.09
N LYS B 223 -5.99 31.09 37.23
CA LYS B 223 -5.87 30.37 38.52
C LYS B 223 -6.89 29.23 38.51
N VAL B 224 -6.42 28.00 38.73
CA VAL B 224 -7.27 26.77 38.66
C VAL B 224 -7.58 26.35 40.10
N GLU B 225 -8.83 26.56 40.52
CA GLU B 225 -9.32 26.30 41.88
C GLU B 225 -10.13 25.00 41.90
N PRO B 226 -10.03 24.15 42.95
CA PRO B 226 -10.84 22.94 43.05
C PRO B 226 -12.34 23.26 42.98
N LYS B 227 -13.11 22.41 42.30
CA LYS B 227 -14.58 22.51 42.22
C LYS B 227 -15.11 21.19 42.76
N SER B 228 -16.21 21.20 43.51
CA SER B 228 -16.84 19.98 44.09
C SER B 228 -18.05 19.54 43.25
N CYS B 229 -18.19 18.23 43.07
CA CYS B 229 -19.47 17.55 42.70
C CYS B 229 -20.04 16.94 43.99
N ASP B 230 -21.38 16.89 44.13
CA ASP B 230 -22.05 16.37 45.35
C ASP B 230 -22.03 14.85 45.35
N LYS B 231 -22.34 14.26 44.20
CA LYS B 231 -22.51 12.79 44.01
C LYS B 231 -23.47 12.21 45.08
N THR B 232 -24.60 12.87 45.45
CA THR B 232 -25.51 12.23 46.44
C THR B 232 -26.53 11.35 45.70
N HIS B 233 -26.39 11.17 44.39
CA HIS B 233 -27.01 10.03 43.63
C HIS B 233 -26.05 8.84 43.59
N THR B 234 -24.82 9.04 44.05
CA THR B 234 -23.69 8.07 44.11
C THR B 234 -23.28 7.69 42.69
N GLU C 1 -15.13 2.15 0.57
CA GLU C 1 -14.91 0.77 1.04
C GLU C 1 -13.55 0.69 1.75
N ILE C 2 -13.38 -0.29 2.63
CA ILE C 2 -12.07 -0.54 3.30
C ILE C 2 -11.17 -1.28 2.31
N VAL C 3 -10.03 -0.68 1.94
CA VAL C 3 -9.04 -1.31 1.03
C VAL C 3 -8.04 -2.07 1.90
N LEU C 4 -7.76 -3.33 1.56
CA LEU C 4 -6.68 -4.11 2.22
C LEU C 4 -5.59 -4.34 1.19
N THR C 5 -4.37 -3.96 1.53
CA THR C 5 -3.16 -4.13 0.68
C THR C 5 -2.24 -5.13 1.36
N GLN C 6 -1.91 -6.22 0.67
CA GLN C 6 -0.98 -7.25 1.17
C GLN C 6 0.42 -6.96 0.65
N SER C 7 1.44 -7.39 1.38
CA SER C 7 2.85 -7.23 0.98
C SER C 7 3.65 -8.42 1.50
N PRO C 8 4.46 -9.10 0.64
CA PRO C 8 4.48 -8.81 -0.80
C PRO C 8 3.27 -9.43 -1.53
N SER C 9 3.16 -9.22 -2.84
CA SER C 9 2.17 -9.86 -3.76
C SER C 9 2.67 -11.25 -4.14
N SER C 10 3.98 -11.44 -4.29
CA SER C 10 4.55 -12.80 -4.39
C SER C 10 5.85 -12.84 -3.61
N LEU C 11 6.22 -14.02 -3.13
CA LEU C 11 7.52 -14.22 -2.43
C LEU C 11 7.98 -15.68 -2.63
N SER C 12 9.31 -15.83 -2.67
CA SER C 12 10.01 -17.10 -2.89
C SER C 12 10.45 -17.61 -1.54
N ALA C 13 10.19 -18.87 -1.24
CA ALA C 13 10.52 -19.46 0.07
C ALA C 13 11.11 -20.84 -0.16
N SER C 14 12.14 -21.18 0.60
CA SER C 14 12.67 -22.56 0.71
C SER C 14 11.89 -23.29 1.81
N VAL C 15 11.76 -24.59 1.69
CA VAL C 15 11.24 -25.45 2.78
C VAL C 15 12.07 -25.17 4.04
N GLY C 16 11.41 -25.00 5.18
CA GLY C 16 12.07 -24.65 6.47
C GLY C 16 12.10 -23.16 6.75
N ASP C 17 11.90 -22.30 5.74
CA ASP C 17 11.98 -20.83 5.88
C ASP C 17 10.78 -20.34 6.70
N ARG C 18 11.07 -19.36 7.56
CA ARG C 18 10.06 -18.48 8.20
C ARG C 18 9.55 -17.51 7.12
N VAL C 19 8.24 -17.35 7.00
CA VAL C 19 7.58 -16.52 5.96
C VAL C 19 6.62 -15.56 6.65
N THR C 20 6.72 -14.27 6.33
CA THR C 20 5.87 -13.20 6.88
C THR C 20 5.18 -12.45 5.73
N ILE C 21 3.86 -12.31 5.83
CA ILE C 21 3.02 -11.53 4.88
C ILE C 21 2.34 -10.42 5.68
N THR C 22 2.40 -9.18 5.21
CA THR C 22 1.68 -8.05 5.85
C THR C 22 0.35 -7.84 5.16
N CYS C 23 -0.64 -7.35 5.92
CA CYS C 23 -1.95 -6.83 5.41
C CYS C 23 -2.16 -5.45 6.04
N GLN C 24 -2.37 -4.42 5.23
CA GLN C 24 -2.62 -3.04 5.70
C GLN C 24 -4.06 -2.65 5.34
N ALA C 25 -4.89 -2.28 6.31
CA ALA C 25 -6.27 -1.81 6.08
C ALA C 25 -6.30 -0.30 5.95
N SER C 26 -7.15 0.21 5.06
CA SER C 26 -7.25 1.67 4.79
C SER C 26 -7.89 2.41 5.97
N GLN C 27 -8.64 1.70 6.82
CA GLN C 27 -9.35 2.22 8.02
C GLN C 27 -9.08 1.28 9.19
N ASP C 28 -9.26 1.76 10.41
CA ASP C 28 -9.28 0.93 11.65
C ASP C 28 -10.39 -0.13 11.53
N ILE C 29 -10.01 -1.41 11.66
CA ILE C 29 -10.94 -2.58 11.58
C ILE C 29 -10.84 -3.39 12.87
N SER C 30 -10.25 -2.82 13.92
CA SER C 30 -10.08 -3.50 15.23
C SER C 30 -9.37 -4.84 14.97
N ASN C 31 -9.94 -5.99 15.35
CA ASN C 31 -9.30 -7.30 15.06
C ASN C 31 -10.22 -8.14 14.16
N TYR C 32 -11.06 -7.52 13.35
CA TYR C 32 -11.99 -8.20 12.41
C TYR C 32 -11.24 -8.50 11.10
N LEU C 33 -10.17 -9.29 11.20
CA LEU C 33 -9.33 -9.65 10.04
C LEU C 33 -9.08 -11.16 10.00
N ASN C 34 -9.32 -11.78 8.85
CA ASN C 34 -9.25 -13.24 8.67
C ASN C 34 -8.16 -13.51 7.64
N TRP C 35 -7.54 -14.69 7.70
CA TRP C 35 -6.60 -15.20 6.67
C TRP C 35 -7.16 -16.49 6.04
N TYR C 36 -7.08 -16.57 4.70
CA TYR C 36 -7.55 -17.72 3.89
C TYR C 36 -6.36 -18.26 3.10
N GLN C 37 -6.31 -19.58 2.86
CA GLN C 37 -5.33 -20.27 1.98
C GLN C 37 -6.08 -20.76 0.75
N GLN C 38 -5.53 -20.57 -0.44
CA GLN C 38 -6.12 -21.13 -1.67
C GLN C 38 -5.03 -21.79 -2.50
N LYS C 39 -5.30 -23.02 -2.95
CA LYS C 39 -4.46 -23.72 -3.95
C LYS C 39 -5.23 -23.72 -5.26
N PRO C 40 -4.51 -23.83 -6.41
CA PRO C 40 -5.16 -23.72 -7.72
C PRO C 40 -6.21 -24.81 -7.89
N GLY C 41 -7.37 -24.46 -8.47
CA GLY C 41 -8.47 -25.41 -8.71
C GLY C 41 -9.25 -25.78 -7.46
N LYS C 42 -8.92 -25.23 -6.29
CA LYS C 42 -9.58 -25.50 -4.99
C LYS C 42 -10.20 -24.21 -4.44
N ALA C 43 -11.28 -24.32 -3.67
CA ALA C 43 -11.92 -23.23 -2.91
C ALA C 43 -10.99 -22.80 -1.78
N PRO C 44 -11.04 -21.53 -1.34
CA PRO C 44 -10.29 -21.06 -0.17
C PRO C 44 -10.69 -21.79 1.10
N LYS C 45 -9.81 -21.74 2.09
CA LYS C 45 -9.95 -22.41 3.39
C LYS C 45 -9.61 -21.39 4.47
N LEU C 46 -10.45 -21.25 5.48
CA LEU C 46 -10.22 -20.29 6.60
C LEU C 46 -9.04 -20.79 7.46
N LEU C 47 -8.00 -19.97 7.63
CA LEU C 47 -6.82 -20.31 8.49
C LEU C 47 -6.97 -19.67 9.88
N ILE C 48 -7.36 -18.39 9.90
CA ILE C 48 -7.27 -17.50 11.09
C ILE C 48 -8.41 -16.50 11.03
N TYR C 49 -9.11 -16.34 12.16
CA TYR C 49 -10.17 -15.33 12.38
C TYR C 49 -9.76 -14.46 13.57
N ALA C 50 -10.38 -13.28 13.70
CA ALA C 50 -10.12 -12.31 14.79
C ALA C 50 -8.63 -12.01 14.87
N ALA C 51 -7.97 -11.88 13.71
CA ALA C 51 -6.54 -11.53 13.50
C ALA C 51 -5.58 -12.60 14.03
N SER C 52 -5.89 -13.39 15.07
CA SER C 52 -4.87 -14.29 15.67
C SER C 52 -5.41 -15.65 16.13
N SER C 53 -6.71 -15.95 15.98
CA SER C 53 -7.30 -17.23 16.44
C SER C 53 -7.24 -18.22 15.28
N LEU C 54 -6.48 -19.32 15.44
CA LEU C 54 -6.42 -20.44 14.45
C LEU C 54 -7.78 -21.14 14.40
N GLU C 55 -8.17 -21.61 13.23
CA GLU C 55 -9.33 -22.51 13.09
C GLU C 55 -8.84 -23.93 13.37
N SER C 56 -9.77 -24.81 13.78
CA SER C 56 -9.48 -26.22 14.16
C SER C 56 -8.81 -26.93 12.99
N GLY C 57 -7.77 -27.71 13.29
CA GLY C 57 -7.04 -28.54 12.32
C GLY C 57 -5.93 -27.78 11.61
N VAL C 58 -5.77 -26.48 11.85
CA VAL C 58 -4.71 -25.67 11.17
C VAL C 58 -3.42 -25.81 12.00
N PRO C 59 -2.30 -26.27 11.40
CA PRO C 59 -1.04 -26.42 12.15
C PRO C 59 -0.55 -25.11 12.79
N SER C 60 0.03 -25.19 13.99
CA SER C 60 0.34 -23.98 14.82
C SER C 60 1.63 -23.29 14.35
N ARG C 61 2.28 -23.75 13.27
CA ARG C 61 3.34 -22.97 12.55
C ARG C 61 2.71 -21.72 11.90
N PHE C 62 1.39 -21.71 11.72
CA PHE C 62 0.59 -20.54 11.26
C PHE C 62 0.23 -19.69 12.48
N SER C 63 0.49 -18.39 12.42
CA SER C 63 0.18 -17.40 13.48
C SER C 63 -0.21 -16.07 12.83
N GLY C 64 -1.18 -15.39 13.42
CA GLY C 64 -1.58 -14.02 13.04
C GLY C 64 -1.37 -13.08 14.19
N SER C 65 -1.03 -11.83 13.90
CA SER C 65 -1.00 -10.73 14.89
C SER C 65 -1.48 -9.44 14.23
N GLY C 66 -1.79 -8.48 15.10
CA GLY C 66 -2.06 -7.08 14.73
C GLY C 66 -3.48 -6.69 15.06
N SER C 67 -3.77 -5.41 14.89
CA SER C 67 -5.07 -4.75 15.17
C SER C 67 -5.07 -3.39 14.50
N GLY C 68 -6.24 -2.76 14.41
CA GLY C 68 -6.41 -1.44 13.79
C GLY C 68 -6.21 -1.53 12.29
N THR C 69 -5.02 -1.19 11.81
CA THR C 69 -4.69 -1.16 10.35
C THR C 69 -3.54 -2.11 10.03
N ASP C 70 -2.77 -2.55 11.03
CA ASP C 70 -1.48 -3.27 10.87
C ASP C 70 -1.66 -4.76 11.22
N PHE C 71 -1.49 -5.67 10.25
CA PHE C 71 -1.65 -7.13 10.45
C PHE C 71 -0.54 -7.92 9.75
N THR C 72 -0.35 -9.15 10.19
CA THR C 72 0.74 -10.08 9.80
C THR C 72 0.24 -11.53 9.89
N LEU C 73 0.48 -12.32 8.84
CA LEU C 73 0.41 -13.80 8.87
C LEU C 73 1.85 -14.33 8.81
N THR C 74 2.21 -15.20 9.74
CA THR C 74 3.56 -15.79 9.84
C THR C 74 3.44 -17.29 9.68
N ILE C 75 4.39 -17.91 9.00
CA ILE C 75 4.58 -19.39 8.92
C ILE C 75 5.99 -19.64 9.43
N SER C 76 6.14 -20.28 10.59
CA SER C 76 7.45 -20.41 11.29
C SER C 76 8.40 -21.27 10.44
N SER C 77 7.88 -22.27 9.72
CA SER C 77 8.70 -23.18 8.87
C SER C 77 7.84 -23.61 7.66
N GLN C 78 8.20 -23.14 6.47
CA GLN C 78 7.42 -23.36 5.22
C GLN C 78 7.49 -24.84 4.83
N GLN C 79 6.32 -25.46 4.67
CA GLN C 79 6.18 -26.86 4.23
C GLN C 79 5.71 -26.89 2.78
N PRO C 80 6.00 -28.02 2.09
CA PRO C 80 5.56 -28.22 0.70
C PRO C 80 4.08 -27.91 0.46
N GLU C 81 3.23 -28.20 1.45
CA GLU C 81 1.76 -28.03 1.34
C GLU C 81 1.39 -26.56 1.60
N ASP C 82 2.34 -25.69 1.97
CA ASP C 82 2.07 -24.27 2.30
C ASP C 82 2.35 -23.37 1.09
N PHE C 83 3.00 -23.89 0.05
CA PHE C 83 3.08 -23.21 -1.28
C PHE C 83 1.64 -23.03 -1.76
N ALA C 84 1.16 -21.79 -1.77
CA ALA C 84 -0.26 -21.47 -1.99
C ALA C 84 -0.40 -19.96 -2.13
N THR C 85 -1.64 -19.50 -2.26
CA THR C 85 -2.00 -18.07 -2.24
C THR C 85 -2.77 -17.77 -0.95
N TYR C 86 -2.40 -16.71 -0.24
CA TYR C 86 -2.99 -16.29 1.05
C TYR C 86 -3.70 -14.95 0.87
N TYR C 87 -4.91 -14.85 1.43
CA TYR C 87 -5.73 -13.62 1.39
C TYR C 87 -6.11 -13.21 2.81
N CYS C 88 -5.94 -11.94 3.15
CA CYS C 88 -6.58 -11.34 4.33
C CYS C 88 -7.99 -10.89 3.91
N GLN C 89 -8.91 -10.79 4.88
CA GLN C 89 -10.28 -10.26 4.67
C GLN C 89 -10.74 -9.54 5.95
N GLN C 90 -11.36 -8.37 5.78
CA GLN C 90 -11.97 -7.58 6.88
C GLN C 90 -13.48 -7.89 6.88
N ALA C 91 -13.99 -8.15 8.09
CA ALA C 91 -15.41 -8.43 8.42
C ALA C 91 -15.89 -7.34 9.38
N ASN C 92 -15.26 -6.17 9.32
CA ASN C 92 -15.53 -5.05 10.24
C ASN C 92 -16.75 -4.27 9.74
N SER C 93 -16.86 -4.05 8.43
CA SER C 93 -18.01 -3.32 7.86
C SER C 93 -18.26 -3.69 6.39
N PHE C 94 -19.50 -3.51 5.96
CA PHE C 94 -19.97 -3.77 4.59
C PHE C 94 -19.50 -2.62 3.70
N PRO C 95 -19.03 -2.88 2.45
CA PRO C 95 -18.89 -4.24 1.94
C PRO C 95 -17.66 -4.98 2.49
N TYR C 96 -17.78 -6.28 2.76
CA TYR C 96 -16.61 -7.12 3.16
C TYR C 96 -15.64 -7.16 1.98
N THR C 97 -14.35 -7.05 2.29
CA THR C 97 -13.28 -6.87 1.27
C THR C 97 -12.10 -7.79 1.58
N PHE C 98 -11.49 -8.31 0.51
CA PHE C 98 -10.26 -9.15 0.55
C PHE C 98 -9.07 -8.33 0.06
N GLY C 99 -7.88 -8.59 0.57
CA GLY C 99 -6.61 -8.18 -0.05
C GLY C 99 -6.44 -8.78 -1.44
N GLN C 100 -5.42 -8.35 -2.18
CA GLN C 100 -5.17 -8.77 -3.59
C GLN C 100 -4.65 -10.23 -3.61
N GLY C 101 -4.16 -10.76 -2.48
CA GLY C 101 -3.56 -12.10 -2.39
C GLY C 101 -2.05 -12.01 -2.50
N THR C 102 -1.36 -12.94 -1.84
CA THR C 102 0.11 -13.12 -1.84
C THR C 102 0.42 -14.56 -2.24
N LYS C 103 1.07 -14.81 -3.38
CA LYS C 103 1.41 -16.17 -3.82
C LYS C 103 2.78 -16.54 -3.23
N VAL C 104 2.87 -17.66 -2.53
CA VAL C 104 4.16 -18.17 -1.97
C VAL C 104 4.70 -19.25 -2.91
N GLU C 105 5.83 -18.97 -3.55
CA GLU C 105 6.46 -19.81 -4.61
C GLU C 105 7.71 -20.49 -4.02
N ILE C 106 8.21 -21.52 -4.71
CA ILE C 106 9.40 -22.31 -4.29
C ILE C 106 10.65 -21.54 -4.74
N LYS C 107 11.65 -21.41 -3.87
CA LYS C 107 12.88 -20.65 -4.15
C LYS C 107 13.91 -21.62 -4.75
N ARG C 108 14.68 -21.16 -5.72
CA ARG C 108 15.74 -21.95 -6.37
C ARG C 108 16.77 -20.96 -6.92
N THR C 109 17.82 -21.45 -7.57
CA THR C 109 18.90 -20.61 -8.15
C THR C 109 18.40 -19.95 -9.45
N VAL C 110 18.95 -18.78 -9.77
CA VAL C 110 18.64 -17.99 -10.99
C VAL C 110 18.89 -18.88 -12.21
N ALA C 111 17.93 -18.97 -13.13
CA ALA C 111 18.13 -19.70 -14.42
C ALA C 111 17.70 -18.76 -15.54
N ALA C 112 18.59 -18.52 -16.50
CA ALA C 112 18.35 -17.64 -17.66
C ALA C 112 17.35 -18.35 -18.56
N PRO C 113 16.39 -17.63 -19.20
CA PRO C 113 15.53 -18.26 -20.19
C PRO C 113 16.30 -18.58 -21.48
N SER C 114 15.93 -19.67 -22.15
CA SER C 114 16.07 -19.87 -23.61
C SER C 114 14.96 -19.11 -24.32
N VAL C 115 15.27 -18.43 -25.43
CA VAL C 115 14.30 -17.52 -26.09
C VAL C 115 14.12 -17.95 -27.54
N PHE C 116 12.87 -18.17 -27.97
CA PHE C 116 12.54 -18.66 -29.33
C PHE C 116 11.46 -17.74 -29.92
N ILE C 117 11.53 -17.48 -31.22
CA ILE C 117 10.52 -16.65 -31.94
C ILE C 117 9.97 -17.47 -33.11
N PHE C 118 8.68 -17.29 -33.40
CA PHE C 118 7.91 -18.05 -34.39
C PHE C 118 7.20 -17.05 -35.32
N PRO C 119 7.60 -16.96 -36.60
CA PRO C 119 6.89 -16.15 -37.58
C PRO C 119 5.47 -16.67 -37.74
N PRO C 120 4.51 -15.87 -38.26
CA PRO C 120 3.18 -16.42 -38.55
C PRO C 120 3.25 -17.53 -39.60
N SER C 121 2.36 -18.51 -39.49
CA SER C 121 2.13 -19.58 -40.50
C SER C 121 1.48 -18.96 -41.75
N ASP C 122 1.76 -19.54 -42.92
CA ASP C 122 1.08 -19.23 -44.21
C ASP C 122 -0.43 -19.48 -44.05
N GLU C 123 -0.83 -20.55 -43.35
CA GLU C 123 -2.26 -20.87 -43.02
C GLU C 123 -2.96 -19.67 -42.38
N GLN C 124 -2.40 -19.10 -41.30
CA GLN C 124 -3.00 -17.92 -40.64
C GLN C 124 -3.07 -16.72 -41.59
N LEU C 125 -1.99 -16.44 -42.32
CA LEU C 125 -1.90 -15.23 -43.16
C LEU C 125 -3.05 -15.27 -44.19
N LYS C 126 -3.34 -16.45 -44.74
CA LYS C 126 -4.47 -16.72 -45.66
C LYS C 126 -5.77 -16.10 -45.13
N SER C 127 -5.94 -16.01 -43.80
CA SER C 127 -7.20 -15.63 -43.10
C SER C 127 -7.20 -14.18 -42.59
N GLY C 128 -6.22 -13.34 -42.96
CA GLY C 128 -6.27 -11.89 -42.70
C GLY C 128 -5.77 -11.45 -41.33
N THR C 129 -4.98 -12.29 -40.66
CA THR C 129 -4.43 -11.99 -39.31
C THR C 129 -3.03 -12.61 -39.21
N ALA C 130 -2.13 -11.94 -38.49
CA ALA C 130 -0.74 -12.41 -38.29
C ALA C 130 -0.40 -12.37 -36.80
N SER C 131 -0.06 -13.52 -36.24
CA SER C 131 0.34 -13.67 -34.82
C SER C 131 1.80 -14.08 -34.83
N VAL C 132 2.63 -13.33 -34.10
CA VAL C 132 4.04 -13.67 -33.84
C VAL C 132 4.12 -14.16 -32.41
N VAL C 133 4.88 -15.21 -32.14
CA VAL C 133 4.95 -15.84 -30.79
C VAL C 133 6.41 -15.87 -30.35
N CYS C 134 6.63 -15.46 -29.10
CA CYS C 134 7.92 -15.49 -28.40
C CYS C 134 7.78 -16.45 -27.22
N LEU C 135 8.70 -17.40 -27.08
CA LEU C 135 8.70 -18.38 -25.99
C LEU C 135 9.96 -18.18 -25.14
N LEU C 136 9.78 -18.09 -23.81
CA LEU C 136 10.89 -18.14 -22.83
C LEU C 136 10.79 -19.47 -22.11
N ASN C 137 11.85 -20.27 -22.11
CA ASN C 137 11.81 -21.66 -21.60
C ASN C 137 12.60 -21.78 -20.30
N ASN C 138 11.97 -22.33 -19.27
CA ASN C 138 12.59 -22.82 -18.01
C ASN C 138 13.50 -21.75 -17.42
N PHE C 139 12.92 -20.66 -16.95
CA PHE C 139 13.65 -19.55 -16.29
C PHE C 139 13.14 -19.38 -14.85
N TYR C 140 14.04 -18.86 -14.01
CA TYR C 140 13.75 -18.42 -12.63
C TYR C 140 14.69 -17.25 -12.31
N PRO C 141 14.19 -16.17 -11.65
CA PRO C 141 12.81 -16.07 -11.18
C PRO C 141 11.75 -15.65 -12.21
N ARG C 142 10.50 -15.54 -11.79
CA ARG C 142 9.28 -15.38 -12.63
C ARG C 142 9.39 -14.11 -13.48
N GLU C 143 9.95 -13.05 -12.90
CA GLU C 143 10.00 -11.67 -13.46
C GLU C 143 10.84 -11.70 -14.74
N ALA C 144 10.26 -11.20 -15.82
CA ALA C 144 10.84 -11.18 -17.19
C ALA C 144 10.09 -10.12 -18.00
N LYS C 145 10.82 -9.16 -18.54
CA LYS C 145 10.28 -8.12 -19.45
C LYS C 145 10.41 -8.68 -20.87
N VAL C 146 9.30 -9.05 -21.48
CA VAL C 146 9.22 -9.45 -22.91
C VAL C 146 8.60 -8.29 -23.70
N GLN C 147 9.40 -7.63 -24.53
CA GLN C 147 8.94 -6.47 -25.34
C GLN C 147 8.97 -6.82 -26.82
N TRP C 148 7.92 -6.40 -27.51
CA TRP C 148 7.79 -6.54 -28.98
C TRP C 148 8.30 -5.25 -29.62
N LYS C 149 9.11 -5.41 -30.67
CA LYS C 149 9.64 -4.33 -31.52
C LYS C 149 9.29 -4.67 -32.97
N VAL C 150 8.54 -3.78 -33.63
CA VAL C 150 8.14 -3.87 -35.05
C VAL C 150 8.90 -2.73 -35.72
N ASP C 151 9.88 -3.05 -36.56
CA ASP C 151 10.76 -2.03 -37.15
C ASP C 151 11.43 -1.27 -36.00
N ASN C 152 11.87 -1.98 -34.97
CA ASN C 152 12.70 -1.40 -33.88
C ASN C 152 11.86 -0.43 -33.01
N ALA C 153 10.54 -0.41 -33.17
CA ALA C 153 9.58 0.43 -32.42
C ALA C 153 8.84 -0.44 -31.37
N LEU C 154 8.94 -0.07 -30.09
CA LEU C 154 8.18 -0.71 -28.98
C LEU C 154 6.67 -0.73 -29.26
N GLN C 155 6.05 -1.89 -29.14
CA GLN C 155 4.60 -2.08 -29.37
C GLN C 155 3.88 -2.00 -28.03
N SER C 156 2.65 -1.49 -28.00
CA SER C 156 1.75 -1.59 -26.82
C SER C 156 0.29 -1.85 -27.24
N GLY C 157 -0.39 -2.67 -26.45
CA GLY C 157 -1.83 -2.96 -26.58
C GLY C 157 -2.20 -3.91 -27.72
N ASN C 158 -1.23 -4.68 -28.24
CA ASN C 158 -1.43 -5.66 -29.35
C ASN C 158 -0.71 -6.97 -29.02
N SER C 159 -0.41 -7.22 -27.76
CA SER C 159 0.25 -8.48 -27.32
C SER C 159 -0.35 -8.93 -25.98
N GLN C 160 -0.36 -10.24 -25.76
CA GLN C 160 -0.74 -10.83 -24.46
C GLN C 160 0.28 -11.92 -24.14
N GLU C 161 0.52 -12.17 -22.86
CA GLU C 161 1.43 -13.22 -22.41
C GLU C 161 0.75 -14.06 -21.33
N SER C 162 1.10 -15.34 -21.25
CA SER C 162 0.74 -16.16 -20.08
C SER C 162 1.99 -16.91 -19.62
N VAL C 163 1.96 -17.35 -18.38
CA VAL C 163 3.08 -18.06 -17.71
C VAL C 163 2.55 -19.38 -17.17
N THR C 164 3.37 -20.42 -17.23
CA THR C 164 3.07 -21.73 -16.58
C THR C 164 3.17 -21.57 -15.05
N GLU C 165 2.47 -22.40 -14.29
N GLU C 165 2.49 -22.44 -14.32
CA GLU C 165 2.74 -22.55 -12.83
CA GLU C 165 2.72 -22.65 -12.87
C GLU C 165 4.13 -23.19 -12.70
C GLU C 165 4.15 -23.21 -12.71
N GLN C 166 4.76 -23.02 -11.55
CA GLN C 166 6.15 -23.46 -11.28
C GLN C 166 6.29 -24.94 -11.61
N ASP C 167 7.30 -25.30 -12.38
CA ASP C 167 7.53 -26.68 -12.86
C ASP C 167 7.76 -27.61 -11.65
N SER C 168 7.19 -28.81 -11.71
CA SER C 168 7.23 -29.87 -10.67
C SER C 168 8.66 -30.38 -10.47
N LYS C 169 9.40 -30.58 -11.57
CA LYS C 169 10.73 -31.22 -11.57
C LYS C 169 11.80 -30.16 -11.24
N ASP C 170 11.81 -28.99 -11.89
CA ASP C 170 12.96 -28.05 -11.78
C ASP C 170 12.59 -26.70 -11.11
N SER C 171 11.32 -26.44 -10.78
CA SER C 171 10.84 -25.20 -10.10
C SER C 171 10.99 -23.94 -10.99
N THR C 172 11.18 -24.10 -12.30
CA THR C 172 11.29 -22.95 -13.24
C THR C 172 9.90 -22.60 -13.79
N TYR C 173 9.80 -21.42 -14.44
CA TYR C 173 8.62 -20.97 -15.20
C TYR C 173 8.94 -20.95 -16.70
N SER C 174 7.90 -21.00 -17.52
CA SER C 174 7.97 -20.71 -18.96
C SER C 174 6.92 -19.66 -19.31
N LEU C 175 7.19 -18.84 -20.31
CA LEU C 175 6.33 -17.72 -20.73
C LEU C 175 6.15 -17.82 -22.26
N SER C 176 4.93 -17.59 -22.74
CA SER C 176 4.55 -17.44 -24.16
C SER C 176 3.95 -16.04 -24.33
N SER C 177 4.41 -15.29 -25.31
CA SER C 177 3.83 -13.98 -25.65
C SER C 177 3.48 -13.96 -27.12
N THR C 178 2.29 -13.47 -27.44
CA THR C 178 1.74 -13.42 -28.81
C THR C 178 1.53 -11.96 -29.19
N LEU C 179 2.28 -11.46 -30.17
CA LEU C 179 1.94 -10.20 -30.88
C LEU C 179 0.98 -10.55 -32.01
N THR C 180 -0.17 -9.89 -32.09
CA THR C 180 -1.17 -10.14 -33.14
C THR C 180 -1.45 -8.83 -33.86
N LEU C 181 -1.20 -8.80 -35.16
CA LEU C 181 -1.52 -7.67 -36.08
C LEU C 181 -2.53 -8.12 -37.14
N SER C 182 -3.24 -7.18 -37.74
CA SER C 182 -4.00 -7.40 -39.00
C SER C 182 -3.01 -7.76 -40.13
N LYS C 183 -3.40 -8.58 -41.09
CA LYS C 183 -2.51 -8.93 -42.24
C LYS C 183 -1.97 -7.63 -42.84
N ALA C 184 -2.86 -6.68 -43.16
CA ALA C 184 -2.47 -5.40 -43.81
C ALA C 184 -1.34 -4.76 -43.02
N ASP C 185 -1.52 -4.59 -41.71
CA ASP C 185 -0.50 -4.00 -40.80
C ASP C 185 0.77 -4.86 -40.80
N TYR C 186 0.65 -6.19 -40.82
CA TYR C 186 1.81 -7.10 -40.78
C TYR C 186 2.66 -6.89 -42.04
N GLU C 187 1.97 -6.82 -43.19
CA GLU C 187 2.60 -6.60 -44.54
C GLU C 187 3.36 -5.27 -44.59
N LYS C 188 3.00 -4.31 -43.74
CA LYS C 188 3.52 -2.91 -43.78
C LYS C 188 4.95 -2.80 -43.24
N HIS C 189 5.41 -3.71 -42.40
CA HIS C 189 6.71 -3.63 -41.69
C HIS C 189 7.62 -4.77 -42.14
N LYS C 190 8.91 -4.68 -41.81
CA LYS C 190 9.97 -5.56 -42.34
C LYS C 190 10.47 -6.45 -41.20
N VAL C 191 10.89 -5.87 -40.08
CA VAL C 191 11.57 -6.65 -38.99
C VAL C 191 10.60 -6.82 -37.82
N TYR C 192 10.55 -8.03 -37.27
CA TYR C 192 9.74 -8.41 -36.09
C TYR C 192 10.71 -9.06 -35.11
N ALA C 193 10.72 -8.57 -33.86
CA ALA C 193 11.65 -9.02 -32.80
C ALA C 193 10.93 -9.01 -31.44
N CYS C 194 11.35 -9.90 -30.55
CA CYS C 194 10.98 -9.84 -29.12
C CYS C 194 12.30 -9.70 -28.35
N GLU C 195 12.35 -8.74 -27.43
CA GLU C 195 13.54 -8.43 -26.59
C GLU C 195 13.17 -8.80 -25.15
N VAL C 196 14.01 -9.65 -24.56
CA VAL C 196 13.83 -10.24 -23.22
C VAL C 196 14.90 -9.70 -22.28
N THR C 197 14.45 -9.06 -21.20
CA THR C 197 15.24 -8.62 -20.03
C THR C 197 14.97 -9.58 -18.88
N HIS C 198 16.01 -10.19 -18.29
CA HIS C 198 15.87 -11.14 -17.16
C HIS C 198 17.16 -11.21 -16.33
N GLN C 199 16.99 -11.33 -15.02
CA GLN C 199 18.05 -11.36 -13.98
C GLN C 199 19.19 -12.31 -14.36
N GLY C 200 18.87 -13.44 -15.00
CA GLY C 200 19.84 -14.46 -15.43
C GLY C 200 20.63 -14.06 -16.68
N LEU C 201 20.26 -12.98 -17.37
CA LEU C 201 20.90 -12.60 -18.66
C LEU C 201 21.86 -11.42 -18.45
N SER C 202 23.11 -11.53 -18.90
CA SER C 202 24.15 -10.47 -18.77
C SER C 202 23.71 -9.21 -19.52
N SER C 203 22.94 -9.35 -20.60
CA SER C 203 22.30 -8.22 -21.32
C SER C 203 21.04 -8.72 -22.05
N PRO C 204 20.15 -7.81 -22.51
CA PRO C 204 18.93 -8.22 -23.22
C PRO C 204 19.22 -9.16 -24.39
N VAL C 205 18.38 -10.18 -24.55
CA VAL C 205 18.44 -11.15 -25.68
C VAL C 205 17.30 -10.79 -26.65
N THR C 206 17.68 -10.51 -27.90
CA THR C 206 16.75 -10.15 -28.99
C THR C 206 16.71 -11.31 -29.97
N LYS C 207 15.53 -11.76 -30.33
CA LYS C 207 15.30 -12.73 -31.43
C LYS C 207 14.44 -12.00 -32.46
N SER C 208 14.84 -12.03 -33.71
CA SER C 208 14.14 -11.25 -34.76
C SER C 208 14.06 -12.06 -36.05
N PHE C 209 13.16 -11.65 -36.95
CA PHE C 209 13.07 -12.19 -38.32
C PHE C 209 12.56 -11.10 -39.27
N ASN C 210 12.87 -11.25 -40.56
CA ASN C 210 12.41 -10.36 -41.65
C ASN C 210 11.20 -10.98 -42.32
N ARG C 211 10.02 -10.34 -42.22
CA ARG C 211 8.84 -10.71 -43.03
C ARG C 211 9.24 -10.74 -44.51
N GLY C 212 8.94 -11.79 -45.25
CA GLY C 212 9.31 -11.81 -46.68
C GLY C 212 10.54 -12.66 -46.95
N GLU C 213 11.42 -12.81 -45.94
CA GLU C 213 12.52 -13.81 -45.89
C GLU C 213 12.03 -15.14 -45.33
N CYS C 214 10.80 -15.20 -44.80
CA CYS C 214 10.21 -16.41 -44.13
C CYS C 214 8.92 -16.85 -44.84
N GLU D 1 -19.35 -33.81 6.11
CA GLU D 1 -20.79 -33.91 6.49
C GLU D 1 -21.50 -32.60 6.14
N VAL D 2 -20.88 -31.46 6.44
CA VAL D 2 -21.39 -30.11 6.06
C VAL D 2 -21.04 -29.87 4.59
N GLN D 3 -22.05 -29.76 3.72
CA GLN D 3 -21.91 -29.55 2.26
C GLN D 3 -22.57 -28.24 1.86
N LEU D 4 -21.94 -27.49 0.96
CA LEU D 4 -22.58 -26.46 0.10
C LEU D 4 -22.35 -26.89 -1.34
N VAL D 5 -23.39 -26.90 -2.17
CA VAL D 5 -23.31 -27.43 -3.56
C VAL D 5 -24.04 -26.47 -4.48
N GLU D 6 -23.29 -25.74 -5.31
CA GLU D 6 -23.78 -24.63 -6.16
C GLU D 6 -24.32 -25.23 -7.47
N SER D 7 -25.34 -24.59 -8.04
CA SER D 7 -25.87 -24.90 -9.40
C SER D 7 -26.51 -23.64 -9.99
N GLY D 8 -26.86 -23.69 -11.27
CA GLY D 8 -27.44 -22.58 -12.04
C GLY D 8 -26.38 -21.81 -12.79
N GLY D 9 -25.12 -22.24 -12.71
CA GLY D 9 -23.98 -21.61 -13.41
C GLY D 9 -23.99 -21.96 -14.89
N GLY D 10 -23.11 -21.33 -15.69
CA GLY D 10 -22.98 -21.59 -17.14
C GLY D 10 -22.74 -20.31 -17.92
N PHE D 11 -23.39 -20.20 -19.10
CA PHE D 11 -23.10 -19.21 -20.17
C PHE D 11 -24.33 -18.33 -20.42
N VAL D 12 -24.12 -17.01 -20.49
CA VAL D 12 -25.16 -16.03 -20.90
C VAL D 12 -24.49 -14.97 -21.75
N GLN D 13 -25.31 -14.21 -22.47
CA GLN D 13 -24.91 -13.00 -23.22
C GLN D 13 -24.93 -11.82 -22.26
N PRO D 14 -24.12 -10.77 -22.50
CA PRO D 14 -24.26 -9.52 -21.75
C PRO D 14 -25.70 -9.01 -21.81
N GLY D 15 -26.27 -8.63 -20.65
CA GLY D 15 -27.68 -8.25 -20.49
C GLY D 15 -28.53 -9.42 -20.05
N GLY D 16 -28.00 -10.64 -20.14
CA GLY D 16 -28.75 -11.86 -19.82
C GLY D 16 -28.88 -12.05 -18.32
N SER D 17 -29.60 -13.08 -17.91
CA SER D 17 -29.85 -13.36 -16.49
C SER D 17 -29.47 -14.81 -16.17
N LEU D 18 -28.97 -15.03 -14.96
CA LEU D 18 -28.79 -16.38 -14.37
C LEU D 18 -29.37 -16.33 -12.96
N ARG D 19 -29.70 -17.49 -12.42
CA ARG D 19 -30.07 -17.67 -11.00
C ARG D 19 -29.23 -18.79 -10.43
N LEU D 20 -28.24 -18.46 -9.62
CA LEU D 20 -27.43 -19.52 -8.95
C LEU D 20 -28.26 -19.99 -7.76
N SER D 21 -28.02 -21.22 -7.36
CA SER D 21 -28.65 -21.85 -6.20
C SER D 21 -27.58 -22.63 -5.43
N CYS D 22 -27.75 -22.76 -4.13
CA CYS D 22 -26.79 -23.43 -3.24
C CYS D 22 -27.62 -24.31 -2.30
N ALA D 23 -27.36 -25.61 -2.32
CA ALA D 23 -28.05 -26.62 -1.48
C ALA D 23 -27.15 -26.94 -0.30
N ALA D 24 -27.60 -26.58 0.91
CA ALA D 24 -26.88 -26.76 2.19
C ALA D 24 -27.34 -28.06 2.85
N SER D 25 -26.43 -28.71 3.56
CA SER D 25 -26.71 -29.98 4.29
C SER D 25 -25.70 -30.14 5.42
N GLY D 26 -26.11 -30.76 6.53
CA GLY D 26 -25.23 -31.09 7.66
C GLY D 26 -25.17 -29.97 8.66
N PHE D 27 -26.09 -28.99 8.60
CA PHE D 27 -26.19 -27.87 9.58
C PHE D 27 -27.59 -27.21 9.52
N THR D 28 -28.00 -26.55 10.60
CA THR D 28 -29.29 -25.82 10.64
C THR D 28 -29.17 -24.52 9.83
N PHE D 29 -29.39 -24.61 8.53
CA PHE D 29 -29.17 -23.54 7.52
C PHE D 29 -29.78 -22.21 7.97
N SER D 30 -31.00 -22.25 8.51
CA SER D 30 -31.84 -21.07 8.82
C SER D 30 -31.21 -20.22 9.94
N ASN D 31 -30.33 -20.79 10.77
CA ASN D 31 -29.66 -20.01 11.85
C ASN D 31 -28.40 -19.30 11.33
N PHE D 32 -27.97 -19.51 10.08
CA PHE D 32 -26.69 -18.96 9.58
C PHE D 32 -26.89 -17.81 8.59
N ASP D 33 -26.02 -16.80 8.74
CA ASP D 33 -25.69 -15.82 7.69
C ASP D 33 -25.03 -16.63 6.57
N MET D 34 -25.49 -16.44 5.34
CA MET D 34 -24.95 -17.13 4.15
C MET D 34 -24.48 -16.05 3.19
N HIS D 35 -23.48 -16.34 2.37
CA HIS D 35 -22.77 -15.35 1.51
C HIS D 35 -22.44 -15.93 0.12
N TRP D 36 -22.27 -15.04 -0.87
CA TRP D 36 -21.66 -15.33 -2.20
C TRP D 36 -20.34 -14.55 -2.35
N VAL D 37 -19.28 -15.26 -2.70
CA VAL D 37 -17.93 -14.72 -3.00
C VAL D 37 -17.57 -15.17 -4.41
N ARG D 38 -16.92 -14.29 -5.19
CA ARG D 38 -16.57 -14.63 -6.59
C ARG D 38 -15.08 -14.44 -6.80
N GLN D 39 -14.57 -15.17 -7.79
CA GLN D 39 -13.15 -15.13 -8.24
C GLN D 39 -13.16 -15.17 -9.76
N SER D 40 -12.79 -14.04 -10.40
CA SER D 40 -12.48 -13.95 -11.85
C SER D 40 -11.24 -14.77 -12.14
N PRO D 41 -11.16 -15.44 -13.32
CA PRO D 41 -10.01 -16.31 -13.61
C PRO D 41 -8.68 -15.56 -13.47
N GLY D 42 -7.74 -16.15 -12.71
CA GLY D 42 -6.38 -15.63 -12.49
C GLY D 42 -6.34 -14.36 -11.65
N LYS D 43 -7.43 -14.02 -10.97
CA LYS D 43 -7.56 -12.80 -10.12
C LYS D 43 -7.96 -13.26 -8.72
N GLY D 44 -8.16 -12.33 -7.78
CA GLY D 44 -8.44 -12.61 -6.36
C GLY D 44 -9.92 -12.68 -6.03
N LEU D 45 -10.22 -12.73 -4.73
CA LEU D 45 -11.58 -12.95 -4.16
C LEU D 45 -12.28 -11.62 -3.95
N GLU D 46 -13.58 -11.56 -4.26
CA GLU D 46 -14.48 -10.41 -4.07
C GLU D 46 -15.78 -10.91 -3.44
N TRP D 47 -16.09 -10.44 -2.22
CA TRP D 47 -17.43 -10.63 -1.60
C TRP D 47 -18.47 -9.96 -2.49
N VAL D 48 -19.58 -10.65 -2.75
CA VAL D 48 -20.63 -10.21 -3.71
C VAL D 48 -21.88 -9.77 -2.92
N SER D 49 -22.33 -10.63 -2.02
CA SER D 49 -23.66 -10.50 -1.37
C SER D 49 -23.68 -11.35 -0.10
N GLY D 50 -24.31 -10.82 0.94
CA GLY D 50 -24.59 -11.54 2.19
C GLY D 50 -26.06 -11.45 2.51
N LEU D 51 -26.64 -12.53 3.05
CA LEU D 51 -28.02 -12.52 3.58
C LEU D 51 -27.94 -13.05 4.99
N ASP D 52 -28.26 -12.22 5.97
CA ASP D 52 -28.08 -12.62 7.39
C ASP D 52 -29.30 -13.47 7.82
N HIS D 53 -29.09 -14.25 8.89
CA HIS D 53 -30.09 -15.13 9.56
C HIS D 53 -31.44 -14.39 9.72
N SER D 54 -31.41 -13.09 10.03
CA SER D 54 -32.58 -12.23 10.32
C SER D 54 -33.07 -11.49 9.07
N GLY D 55 -32.50 -11.77 7.89
CA GLY D 55 -33.05 -11.38 6.59
C GLY D 55 -32.54 -10.03 6.07
N GLY D 56 -31.61 -9.38 6.76
CA GLY D 56 -30.90 -8.21 6.20
C GLY D 56 -30.04 -8.62 5.00
N ALA D 57 -30.19 -7.94 3.86
CA ALA D 57 -29.42 -8.22 2.62
C ALA D 57 -28.34 -7.15 2.42
N HIS D 58 -27.19 -7.56 1.90
CA HIS D 58 -25.98 -6.74 1.74
C HIS D 58 -25.35 -7.03 0.38
N TYR D 59 -24.92 -6.00 -0.34
CA TYR D 59 -24.36 -6.12 -1.70
C TYR D 59 -23.07 -5.30 -1.77
N ALA D 60 -22.04 -5.80 -2.49
CA ALA D 60 -20.93 -4.98 -3.00
C ALA D 60 -21.48 -3.99 -4.04
N GLY D 61 -20.88 -2.81 -4.15
CA GLY D 61 -21.34 -1.75 -5.06
C GLY D 61 -21.28 -2.23 -6.49
N SER D 62 -20.45 -3.24 -6.80
CA SER D 62 -20.21 -3.72 -8.18
C SER D 62 -21.44 -4.48 -8.70
N VAL D 63 -22.35 -4.88 -7.81
CA VAL D 63 -23.51 -5.73 -8.17
C VAL D 63 -24.81 -5.12 -7.67
N LYS D 64 -24.73 -4.13 -6.77
CA LYS D 64 -25.91 -3.39 -6.26
C LYS D 64 -26.82 -3.04 -7.45
N GLY D 65 -28.11 -3.32 -7.34
CA GLY D 65 -29.12 -2.97 -8.35
C GLY D 65 -29.23 -4.01 -9.46
N ARG D 66 -28.38 -5.04 -9.45
CA ARG D 66 -28.40 -6.08 -10.51
C ARG D 66 -28.59 -7.46 -9.86
N PHE D 67 -27.95 -7.70 -8.70
CA PHE D 67 -27.99 -9.00 -7.99
C PHE D 67 -28.99 -8.92 -6.83
N THR D 68 -29.70 -10.03 -6.60
CA THR D 68 -30.69 -10.21 -5.52
C THR D 68 -30.40 -11.57 -4.87
N ILE D 69 -30.14 -11.52 -3.57
CA ILE D 69 -29.87 -12.69 -2.71
C ILE D 69 -31.17 -13.04 -1.97
N SER D 70 -31.43 -14.32 -1.80
CA SER D 70 -32.64 -14.82 -1.10
C SER D 70 -32.35 -16.23 -0.60
N ARG D 71 -33.20 -16.69 0.31
CA ARG D 71 -33.06 -17.98 1.02
C ARG D 71 -34.44 -18.62 1.14
N GLU D 72 -34.47 -19.93 1.00
CA GLU D 72 -35.61 -20.81 1.28
C GLU D 72 -35.14 -21.75 2.40
N ASP D 73 -35.52 -21.45 3.64
CA ASP D 73 -35.01 -22.13 4.86
C ASP D 73 -35.50 -23.56 4.88
N ALA D 74 -36.77 -23.78 4.52
CA ALA D 74 -37.38 -25.12 4.39
C ALA D 74 -36.52 -26.01 3.48
N LYS D 75 -36.05 -25.48 2.35
CA LYS D 75 -35.34 -26.25 1.29
C LYS D 75 -33.81 -26.15 1.47
N ASN D 76 -33.31 -25.48 2.51
CA ASN D 76 -31.87 -25.36 2.83
C ASN D 76 -31.09 -24.82 1.62
N SER D 77 -31.66 -23.84 0.92
CA SER D 77 -31.07 -23.29 -0.32
C SER D 77 -30.93 -21.77 -0.22
N LEU D 78 -29.79 -21.27 -0.68
CA LEU D 78 -29.52 -19.82 -0.89
C LEU D 78 -29.50 -19.56 -2.40
N ASP D 79 -30.22 -18.54 -2.85
CA ASP D 79 -30.29 -18.18 -4.30
C ASP D 79 -29.50 -16.90 -4.52
N LEU D 80 -28.93 -16.75 -5.74
CA LEU D 80 -28.46 -15.46 -6.26
C LEU D 80 -29.02 -15.22 -7.67
N GLN D 81 -30.02 -14.33 -7.77
CA GLN D 81 -30.60 -13.87 -9.06
C GLN D 81 -29.64 -12.82 -9.63
N MET D 82 -29.08 -13.07 -10.80
CA MET D 82 -28.11 -12.14 -11.42
C MET D 82 -28.71 -11.62 -12.72
N ASN D 83 -29.23 -10.40 -12.72
CA ASN D 83 -29.87 -9.73 -13.88
C ASN D 83 -28.87 -8.72 -14.45
N ASN D 84 -28.98 -8.43 -15.76
CA ASN D 84 -28.10 -7.50 -16.54
C ASN D 84 -26.63 -7.83 -16.28
N LEU D 85 -26.25 -9.09 -16.49
CA LEU D 85 -24.85 -9.55 -16.34
C LEU D 85 -24.00 -8.89 -17.42
N ARG D 86 -22.80 -8.46 -17.02
CA ARG D 86 -21.76 -7.89 -17.89
C ARG D 86 -20.54 -8.81 -17.91
N VAL D 87 -19.69 -8.61 -18.91
CA VAL D 87 -18.48 -9.43 -19.18
C VAL D 87 -17.64 -9.55 -17.89
N ASP D 88 -17.54 -8.48 -17.10
CA ASP D 88 -16.67 -8.43 -15.89
C ASP D 88 -17.35 -9.14 -14.70
N ASP D 89 -18.54 -9.73 -14.85
CA ASP D 89 -19.17 -10.64 -13.86
C ASP D 89 -18.68 -12.08 -14.06
N THR D 90 -17.94 -12.36 -15.14
CA THR D 90 -17.38 -13.71 -15.41
C THR D 90 -16.52 -14.13 -14.22
N ALA D 91 -16.87 -15.21 -13.54
CA ALA D 91 -16.08 -15.66 -12.38
C ALA D 91 -16.61 -17.00 -11.90
N VAL D 92 -15.87 -17.63 -11.01
CA VAL D 92 -16.36 -18.77 -10.19
C VAL D 92 -17.09 -18.14 -9.00
N TYR D 93 -18.37 -18.44 -8.82
CA TYR D 93 -19.18 -18.02 -7.66
C TYR D 93 -19.20 -19.13 -6.60
N PHE D 94 -18.67 -18.81 -5.42
CA PHE D 94 -18.63 -19.69 -4.24
C PHE D 94 -19.80 -19.35 -3.33
N CYS D 95 -20.54 -20.38 -2.92
CA CYS D 95 -21.49 -20.30 -1.79
C CYS D 95 -20.66 -20.49 -0.52
N VAL D 96 -20.88 -19.63 0.48
CA VAL D 96 -20.03 -19.54 1.70
C VAL D 96 -20.93 -19.39 2.94
N ARG D 97 -20.60 -20.12 4.00
CA ARG D 97 -21.31 -20.00 5.30
C ARG D 97 -20.62 -18.94 6.14
N GLY D 98 -21.36 -17.93 6.60
CA GLY D 98 -20.84 -17.02 7.63
C GLY D 98 -20.74 -17.75 8.95
N THR D 99 -19.71 -17.50 9.75
CA THR D 99 -19.44 -18.21 11.02
C THR D 99 -20.60 -17.95 11.98
N LEU D 100 -20.84 -18.88 12.90
CA LEU D 100 -21.76 -18.72 14.05
C LEU D 100 -20.98 -19.21 15.28
N TYR D 101 -20.42 -18.31 16.07
CA TYR D 101 -19.55 -18.65 17.22
C TYR D 101 -20.30 -18.30 18.52
N HIS D 102 -20.24 -19.22 19.48
CA HIS D 102 -20.98 -19.13 20.76
C HIS D 102 -20.01 -18.71 21.85
N TYR D 103 -20.36 -17.62 22.53
CA TYR D 103 -19.62 -17.05 23.69
C TYR D 103 -20.57 -16.99 24.89
N THR D 104 -19.99 -16.79 26.08
CA THR D 104 -20.71 -16.57 27.35
C THR D 104 -21.82 -15.56 27.05
N SER D 105 -21.50 -14.48 26.32
CA SER D 105 -22.42 -13.38 25.93
C SER D 105 -23.33 -13.76 24.74
N GLY D 106 -23.23 -14.97 24.19
CA GLY D 106 -24.16 -15.47 23.14
C GLY D 106 -23.51 -15.71 21.79
N SER D 107 -24.29 -15.52 20.72
CA SER D 107 -23.97 -15.95 19.33
C SER D 107 -23.57 -14.76 18.46
N TYR D 108 -22.45 -14.85 17.75
CA TYR D 108 -21.88 -13.81 16.86
C TYR D 108 -21.76 -14.36 15.43
N TYR D 109 -22.12 -13.53 14.45
CA TYR D 109 -22.40 -13.94 13.06
C TYR D 109 -21.41 -13.27 12.09
N SER D 110 -20.78 -14.06 11.23
CA SER D 110 -20.02 -13.63 10.01
C SER D 110 -18.72 -12.92 10.40
N ASP D 111 -18.16 -13.28 11.55
CA ASP D 111 -16.75 -13.00 11.91
C ASP D 111 -15.86 -13.44 10.76
N ALA D 112 -16.17 -14.57 10.12
CA ALA D 112 -15.41 -15.14 8.99
C ALA D 112 -16.33 -15.98 8.09
N PHE D 113 -15.74 -16.59 7.06
CA PHE D 113 -16.38 -17.54 6.12
C PHE D 113 -15.73 -18.90 6.32
N ASP D 114 -16.40 -19.83 7.00
CA ASP D 114 -15.72 -21.03 7.55
C ASP D 114 -15.92 -22.21 6.59
N ILE D 115 -17.03 -22.23 5.84
CA ILE D 115 -17.36 -23.30 4.85
C ILE D 115 -17.57 -22.64 3.49
N TRP D 116 -16.84 -23.12 2.49
CA TRP D 116 -16.85 -22.65 1.09
C TRP D 116 -17.29 -23.82 0.24
N GLY D 117 -18.28 -23.63 -0.63
CA GLY D 117 -18.60 -24.60 -1.71
C GLY D 117 -17.49 -24.67 -2.74
N GLN D 118 -17.57 -25.66 -3.63
CA GLN D 118 -16.54 -25.94 -4.68
C GLN D 118 -16.67 -24.88 -5.78
N GLY D 119 -17.80 -24.16 -5.83
CA GLY D 119 -17.97 -22.99 -6.70
C GLY D 119 -18.56 -23.42 -8.02
N THR D 120 -19.26 -22.52 -8.70
CA THR D 120 -19.89 -22.73 -10.01
C THR D 120 -19.42 -21.62 -10.97
N LEU D 121 -18.96 -21.97 -12.16
CA LEU D 121 -18.41 -21.01 -13.14
C LEU D 121 -19.56 -20.31 -13.89
N VAL D 122 -19.56 -18.97 -13.89
CA VAL D 122 -20.45 -18.14 -14.76
C VAL D 122 -19.58 -17.44 -15.79
N THR D 123 -19.92 -17.57 -17.08
CA THR D 123 -19.20 -16.88 -18.20
C THR D 123 -20.20 -15.99 -18.93
N VAL D 124 -19.91 -14.68 -18.95
CA VAL D 124 -20.70 -13.71 -19.74
C VAL D 124 -19.87 -13.31 -20.96
N SER D 125 -20.47 -13.42 -22.14
CA SER D 125 -19.79 -13.29 -23.45
C SER D 125 -20.83 -13.25 -24.57
N SER D 126 -20.64 -12.33 -25.53
CA SER D 126 -21.42 -12.26 -26.79
C SER D 126 -20.87 -13.26 -27.80
N ALA D 127 -19.72 -13.88 -27.51
CA ALA D 127 -19.09 -14.92 -28.36
C ALA D 127 -20.00 -16.16 -28.36
N SER D 128 -20.22 -16.74 -29.54
CA SER D 128 -20.90 -18.05 -29.73
C SER D 128 -19.82 -19.14 -29.78
N VAL D 129 -20.19 -20.38 -29.48
CA VAL D 129 -19.30 -21.56 -29.59
C VAL D 129 -18.57 -21.51 -30.95
N LYS D 130 -17.24 -21.62 -30.93
CA LYS D 130 -16.39 -21.58 -32.14
C LYS D 130 -15.15 -22.45 -31.90
N GLY D 131 -14.89 -23.37 -32.83
CA GLY D 131 -13.72 -24.26 -32.79
C GLY D 131 -12.46 -23.47 -33.08
N PRO D 132 -11.31 -23.87 -32.50
CA PRO D 132 -10.05 -23.19 -32.74
C PRO D 132 -9.52 -23.47 -34.14
N SER D 133 -8.84 -22.50 -34.73
CA SER D 133 -7.85 -22.75 -35.80
C SER D 133 -6.54 -23.09 -35.11
N VAL D 134 -5.84 -24.13 -35.55
CA VAL D 134 -4.54 -24.51 -34.95
C VAL D 134 -3.48 -24.20 -36.01
N PHE D 135 -2.58 -23.28 -35.69
CA PHE D 135 -1.49 -22.85 -36.60
C PHE D 135 -0.21 -23.47 -36.07
N PRO D 136 0.66 -23.99 -36.95
CA PRO D 136 1.96 -24.48 -36.50
C PRO D 136 2.84 -23.35 -35.97
N LEU D 137 3.65 -23.66 -34.96
CA LEU D 137 4.82 -22.84 -34.53
C LEU D 137 6.05 -23.61 -34.98
N ALA D 138 6.48 -23.35 -36.21
CA ALA D 138 7.43 -24.19 -36.97
C ALA D 138 8.82 -24.01 -36.39
N PRO D 139 9.59 -25.09 -36.12
CA PRO D 139 10.98 -24.97 -35.70
C PRO D 139 11.84 -24.51 -36.88
N SER D 140 12.52 -23.37 -36.74
CA SER D 140 13.26 -22.73 -37.87
C SER D 140 14.79 -22.88 -37.79
N SER D 141 15.47 -22.14 -38.68
CA SER D 141 16.96 -22.10 -38.75
C SER D 141 17.49 -21.15 -37.68
N LYS D 142 17.67 -21.67 -36.45
CA LYS D 142 18.19 -20.96 -35.25
C LYS D 142 17.20 -19.94 -34.69
N SER D 143 16.11 -19.61 -35.40
CA SER D 143 15.16 -18.63 -34.79
C SER D 143 14.48 -19.29 -33.58
N THR D 144 14.35 -20.62 -33.59
CA THR D 144 13.84 -21.43 -32.46
C THR D 144 14.76 -22.63 -32.19
N SER D 145 16.09 -22.45 -32.32
CA SER D 145 17.11 -23.44 -31.90
C SER D 145 18.01 -22.86 -30.81
N GLY D 146 18.65 -23.72 -30.03
CA GLY D 146 19.91 -23.47 -29.29
C GLY D 146 20.63 -24.77 -28.93
N GLY D 147 20.95 -25.62 -29.92
CA GLY D 147 21.20 -27.08 -29.76
C GLY D 147 19.91 -27.87 -29.54
N THR D 148 18.93 -27.22 -28.92
CA THR D 148 17.54 -27.67 -28.68
C THR D 148 16.67 -26.93 -29.69
N ALA D 149 15.64 -27.58 -30.23
CA ALA D 149 14.61 -26.95 -31.08
C ALA D 149 13.34 -26.81 -30.27
N ALA D 150 12.66 -25.68 -30.39
CA ALA D 150 11.33 -25.43 -29.84
C ALA D 150 10.37 -25.47 -31.01
N LEU D 151 9.29 -26.20 -30.85
CA LEU D 151 8.16 -26.14 -31.81
C LEU D 151 6.87 -26.13 -30.99
N GLY D 152 5.76 -25.81 -31.64
CA GLY D 152 4.48 -25.70 -30.93
C GLY D 152 3.31 -25.56 -31.86
N CYS D 153 2.13 -25.36 -31.24
CA CYS D 153 0.83 -25.14 -31.88
C CYS D 153 0.24 -23.87 -31.29
N LEU D 154 -0.30 -23.00 -32.13
CA LEU D 154 -1.03 -21.79 -31.67
C LEU D 154 -2.52 -22.09 -31.88
N VAL D 155 -3.26 -22.21 -30.78
CA VAL D 155 -4.70 -22.61 -30.79
C VAL D 155 -5.48 -21.30 -30.67
N LYS D 156 -5.92 -20.75 -31.80
CA LYS D 156 -6.39 -19.34 -31.90
C LYS D 156 -7.89 -19.31 -32.15
N ASP D 157 -8.59 -18.39 -31.47
CA ASP D 157 -9.96 -17.93 -31.79
C ASP D 157 -11.00 -19.01 -31.49
N TYR D 158 -11.02 -19.52 -30.26
CA TYR D 158 -12.00 -20.54 -29.80
C TYR D 158 -12.80 -20.01 -28.61
N PHE D 159 -13.97 -20.61 -28.42
CA PHE D 159 -14.99 -20.26 -27.41
C PHE D 159 -15.92 -21.46 -27.25
N PRO D 160 -16.23 -21.90 -26.01
CA PRO D 160 -15.61 -21.41 -24.78
C PRO D 160 -14.34 -22.21 -24.42
N GLU D 161 -13.75 -21.95 -23.24
CA GLU D 161 -12.78 -22.88 -22.59
C GLU D 161 -13.52 -24.17 -22.22
N PRO D 162 -12.83 -25.31 -22.01
CA PRO D 162 -11.38 -25.43 -22.18
C PRO D 162 -10.99 -26.10 -23.51
N VAL D 163 -9.69 -26.08 -23.82
CA VAL D 163 -9.07 -27.03 -24.79
C VAL D 163 -8.13 -27.94 -24.02
N THR D 164 -7.84 -29.11 -24.56
CA THR D 164 -6.69 -29.94 -24.10
C THR D 164 -5.76 -30.15 -25.30
N VAL D 165 -4.49 -30.40 -25.02
CA VAL D 165 -3.44 -30.63 -26.04
C VAL D 165 -2.62 -31.81 -25.53
N SER D 166 -2.41 -32.81 -26.38
CA SER D 166 -1.34 -33.82 -26.22
C SER D 166 -0.41 -33.71 -27.43
N TRP D 167 0.76 -34.34 -27.35
CA TRP D 167 1.77 -34.39 -28.44
C TRP D 167 2.03 -35.86 -28.80
N ASN D 168 1.92 -36.18 -30.10
CA ASN D 168 2.10 -37.53 -30.68
C ASN D 168 1.24 -38.52 -29.90
N SER D 169 -0.04 -38.16 -29.70
CA SER D 169 -1.08 -38.92 -28.97
C SER D 169 -0.65 -39.22 -27.52
N GLY D 170 0.18 -38.38 -26.91
CA GLY D 170 0.66 -38.58 -25.53
C GLY D 170 1.95 -39.38 -25.48
N ALA D 171 2.52 -39.75 -26.63
CA ALA D 171 3.81 -40.46 -26.69
C ALA D 171 4.92 -39.48 -26.29
N LEU D 172 4.69 -38.19 -26.56
CA LEU D 172 5.62 -37.08 -26.22
C LEU D 172 5.05 -36.25 -25.05
N THR D 173 5.75 -36.29 -23.90
CA THR D 173 5.39 -35.57 -22.65
C THR D 173 6.56 -34.72 -22.14
N SER D 174 7.79 -35.23 -22.18
CA SER D 174 9.00 -34.50 -21.73
C SER D 174 9.16 -33.19 -22.50
N GLY D 175 9.23 -32.05 -21.79
CA GLY D 175 9.49 -30.73 -22.38
C GLY D 175 8.23 -30.04 -22.87
N VAL D 176 7.04 -30.60 -22.64
CA VAL D 176 5.77 -29.96 -23.10
C VAL D 176 5.37 -28.85 -22.12
N HIS D 177 4.99 -27.68 -22.64
CA HIS D 177 4.33 -26.58 -21.88
C HIS D 177 3.06 -26.17 -22.60
N THR D 178 1.92 -26.38 -21.96
CA THR D 178 0.62 -25.91 -22.48
C THR D 178 0.25 -24.70 -21.65
N PHE D 179 0.24 -23.52 -22.24
CA PHE D 179 0.09 -22.23 -21.51
C PHE D 179 -1.37 -22.01 -21.19
N PRO D 180 -1.69 -21.27 -20.09
CA PRO D 180 -3.03 -20.77 -19.86
C PRO D 180 -3.50 -19.93 -21.06
N ALA D 181 -4.76 -20.07 -21.44
CA ALA D 181 -5.39 -19.29 -22.52
C ALA D 181 -5.42 -17.81 -22.12
N VAL D 182 -5.50 -16.94 -23.10
CA VAL D 182 -5.71 -15.48 -22.90
C VAL D 182 -7.03 -15.13 -23.57
N LEU D 183 -7.80 -14.24 -22.95
CA LEU D 183 -9.03 -13.74 -23.60
C LEU D 183 -8.66 -12.55 -24.47
N GLN D 184 -8.86 -12.66 -25.78
CA GLN D 184 -8.54 -11.59 -26.76
C GLN D 184 -9.70 -10.57 -26.74
N SER D 185 -9.44 -9.33 -27.19
CA SER D 185 -10.43 -8.23 -27.21
C SER D 185 -11.71 -8.64 -27.96
N SER D 186 -11.63 -9.66 -28.84
CA SER D 186 -12.76 -10.17 -29.66
C SER D 186 -13.68 -11.08 -28.84
N GLY D 187 -13.32 -11.38 -27.59
CA GLY D 187 -14.04 -12.32 -26.71
C GLY D 187 -13.76 -13.77 -27.07
N LEU D 188 -12.78 -14.03 -27.95
CA LEU D 188 -12.32 -15.41 -28.26
C LEU D 188 -11.04 -15.72 -27.48
N TYR D 189 -10.83 -16.98 -27.14
CA TYR D 189 -9.61 -17.44 -26.45
C TYR D 189 -8.54 -17.77 -27.48
N SER D 190 -7.31 -17.80 -27.00
CA SER D 190 -6.10 -18.19 -27.74
C SER D 190 -5.16 -18.86 -26.74
N LEU D 191 -4.66 -20.07 -27.03
CA LEU D 191 -3.52 -20.62 -26.25
C LEU D 191 -2.43 -21.17 -27.16
N SER D 192 -1.28 -21.40 -26.58
CA SER D 192 -0.13 -22.00 -27.28
C SER D 192 0.36 -23.19 -26.47
N SER D 193 0.78 -24.24 -27.15
CA SER D 193 1.45 -25.43 -26.59
C SER D 193 2.76 -25.58 -27.32
N VAL D 194 3.84 -25.79 -26.59
CA VAL D 194 5.23 -25.83 -27.12
C VAL D 194 5.94 -27.03 -26.51
N VAL D 195 6.90 -27.56 -27.24
CA VAL D 195 7.77 -28.67 -26.76
C VAL D 195 9.19 -28.38 -27.25
N THR D 196 10.20 -28.71 -26.43
CA THR D 196 11.62 -28.63 -26.79
C THR D 196 12.12 -30.05 -27.06
N VAL D 197 12.78 -30.25 -28.21
CA VAL D 197 13.22 -31.57 -28.72
C VAL D 197 14.67 -31.47 -29.18
N PRO D 198 15.40 -32.61 -29.21
CA PRO D 198 16.68 -32.66 -29.91
C PRO D 198 16.52 -32.05 -31.31
N SER D 199 17.30 -31.02 -31.61
CA SER D 199 17.43 -30.35 -32.92
C SER D 199 17.66 -31.35 -34.06
N SER D 200 18.46 -32.40 -33.79
CA SER D 200 18.88 -33.48 -34.72
C SER D 200 17.69 -34.36 -35.14
N SER D 201 16.60 -34.35 -34.35
CA SER D 201 15.39 -35.20 -34.57
C SER D 201 14.48 -34.60 -35.64
N LEU D 202 14.66 -33.32 -35.99
CA LEU D 202 13.68 -32.53 -36.80
C LEU D 202 13.47 -33.12 -38.20
N GLY D 203 14.46 -33.81 -38.76
CA GLY D 203 14.38 -34.33 -40.14
C GLY D 203 13.64 -35.65 -40.23
N THR D 204 13.56 -36.42 -39.14
CA THR D 204 13.06 -37.82 -39.21
C THR D 204 11.88 -38.08 -38.26
N GLN D 205 11.80 -37.41 -37.10
CA GLN D 205 10.72 -37.58 -36.11
C GLN D 205 9.52 -36.73 -36.52
N THR D 206 8.32 -37.31 -36.56
CA THR D 206 7.07 -36.57 -36.81
C THR D 206 6.58 -36.01 -35.48
N TYR D 207 6.13 -34.76 -35.49
CA TYR D 207 5.64 -34.02 -34.32
C TYR D 207 4.25 -33.51 -34.67
N ILE D 208 3.24 -33.98 -33.92
CA ILE D 208 1.80 -33.67 -34.15
C ILE D 208 1.18 -33.28 -32.82
N CYS D 209 0.50 -32.14 -32.79
CA CYS D 209 -0.25 -31.68 -31.62
C CYS D 209 -1.72 -32.08 -31.80
N ASN D 210 -2.27 -32.73 -30.78
CA ASN D 210 -3.68 -33.17 -30.72
C ASN D 210 -4.42 -32.16 -29.86
N VAL D 211 -5.26 -31.35 -30.47
CA VAL D 211 -6.00 -30.25 -29.81
C VAL D 211 -7.49 -30.62 -29.80
N ASN D 212 -8.03 -30.89 -28.62
CA ASN D 212 -9.44 -31.27 -28.42
C ASN D 212 -10.17 -30.06 -27.79
N HIS D 213 -11.11 -29.47 -28.52
CA HIS D 213 -12.06 -28.46 -27.99
C HIS D 213 -13.29 -29.22 -27.49
N LYS D 214 -13.21 -29.64 -26.22
CA LYS D 214 -14.23 -30.41 -25.46
C LYS D 214 -15.63 -29.86 -25.71
N PRO D 215 -15.86 -28.52 -25.60
CA PRO D 215 -17.19 -27.95 -25.79
C PRO D 215 -17.82 -27.98 -27.19
N SER D 216 -17.05 -28.28 -28.24
CA SER D 216 -17.54 -28.26 -29.64
C SER D 216 -17.29 -29.63 -30.30
N ASN D 217 -17.51 -29.70 -31.61
CA ASN D 217 -17.29 -30.91 -32.44
C ASN D 217 -15.90 -30.84 -33.08
N THR D 218 -14.95 -30.13 -32.47
CA THR D 218 -13.62 -29.87 -33.05
C THR D 218 -12.54 -30.65 -32.30
N LYS D 219 -11.78 -31.44 -33.04
N LYS D 219 -11.79 -31.46 -33.03
CA LYS D 219 -10.44 -31.92 -32.64
CA LYS D 219 -10.43 -31.90 -32.63
C LYS D 219 -9.52 -31.67 -33.84
C LYS D 219 -9.52 -31.65 -33.83
N VAL D 220 -8.29 -31.24 -33.58
CA VAL D 220 -7.29 -30.94 -34.65
C VAL D 220 -5.98 -31.64 -34.30
N ASP D 221 -5.55 -32.56 -35.16
CA ASP D 221 -4.15 -33.05 -35.26
C ASP D 221 -3.42 -32.20 -36.30
N LYS D 222 -2.50 -31.34 -35.84
CA LYS D 222 -1.69 -30.47 -36.72
C LYS D 222 -0.27 -30.99 -36.69
N LYS D 223 0.23 -31.43 -37.87
CA LYS D 223 1.62 -31.84 -38.08
C LYS D 223 2.45 -30.55 -38.17
N VAL D 224 3.45 -30.44 -37.30
CA VAL D 224 4.33 -29.24 -37.26
C VAL D 224 5.65 -29.66 -37.90
N GLU D 225 5.99 -29.03 -39.02
CA GLU D 225 7.17 -29.34 -39.86
C GLU D 225 8.17 -28.19 -39.74
N PRO D 226 9.49 -28.44 -39.93
CA PRO D 226 10.47 -27.34 -39.99
C PRO D 226 10.15 -26.38 -41.14
N LYS D 227 10.45 -25.09 -40.94
CA LYS D 227 10.23 -24.00 -41.93
C LYS D 227 11.50 -23.14 -41.98
N SER D 228 12.05 -22.95 -43.19
CA SER D 228 13.28 -22.14 -43.42
C SER D 228 12.89 -20.67 -43.57
N CYS D 229 13.61 -19.77 -42.90
CA CYS D 229 13.78 -18.34 -43.28
C CYS D 229 15.08 -18.27 -44.10
N ASP D 230 15.11 -17.44 -45.13
CA ASP D 230 16.37 -17.05 -45.81
C ASP D 230 17.07 -16.15 -44.80
N LYS D 231 18.37 -16.23 -44.64
CA LYS D 231 19.01 -15.32 -43.64
C LYS D 231 19.85 -14.27 -44.38
N THR D 232 19.53 -13.90 -45.63
CA THR D 232 20.54 -13.29 -46.54
C THR D 232 20.62 -11.77 -46.30
N HIS D 233 19.89 -11.23 -45.33
CA HIS D 233 20.21 -9.91 -44.68
C HIS D 233 20.88 -10.15 -43.32
N THR D 234 20.80 -11.38 -42.79
CA THR D 234 21.37 -11.93 -41.52
C THR D 234 20.39 -11.68 -40.36
N ARG E 1 41.91 23.13 -2.96
CA ARG E 1 41.39 24.52 -2.85
C ARG E 1 40.37 24.77 -3.96
N THR E 2 40.69 24.38 -5.19
CA THR E 2 39.71 24.23 -6.31
C THR E 2 39.86 22.83 -6.90
N CYS E 3 38.74 22.20 -7.23
CA CYS E 3 38.68 20.84 -7.83
C CYS E 3 37.74 20.86 -9.05
N ASN E 4 37.91 19.92 -9.97
CA ASN E 4 36.90 19.67 -11.02
C ASN E 4 35.67 19.06 -10.31
N LYS E 5 34.49 19.38 -10.81
CA LYS E 5 33.19 18.92 -10.29
C LYS E 5 32.57 18.00 -11.34
N THR E 6 31.59 17.19 -10.94
CA THR E 6 30.79 16.26 -11.80
C THR E 6 30.36 17.01 -13.07
N PHE E 7 29.86 18.24 -12.93
CA PHE E 7 29.38 19.09 -14.04
C PHE E 7 30.37 20.25 -14.25
N SER E 8 30.68 20.50 -15.52
CA SER E 8 31.58 21.58 -16.00
C SER E 8 31.02 22.95 -15.60
N ASP E 9 29.72 23.03 -15.30
CA ASP E 9 28.98 24.28 -14.98
C ASP E 9 29.22 24.72 -13.53
N GLN E 10 29.41 23.82 -12.56
CA GLN E 10 29.46 24.23 -11.12
C GLN E 10 30.86 24.79 -10.83
N SER E 11 30.96 25.53 -9.73
CA SER E 11 32.16 26.25 -9.22
C SER E 11 33.23 25.22 -8.86
N LYS E 12 34.46 25.42 -9.33
CA LYS E 12 35.62 24.57 -9.00
C LYS E 12 36.03 24.80 -7.54
N ILE E 13 35.63 25.93 -6.96
CA ILE E 13 35.98 26.39 -5.58
C ILE E 13 35.62 25.28 -4.58
N CYS E 14 36.59 24.85 -3.76
CA CYS E 14 36.37 23.84 -2.68
C CYS E 14 35.85 24.55 -1.43
N PRO E 15 34.93 23.90 -0.66
CA PRO E 15 34.56 24.39 0.67
C PRO E 15 35.79 24.57 1.54
N PRO E 16 35.76 25.50 2.53
CA PRO E 16 36.92 25.75 3.39
C PRO E 16 37.32 24.49 4.19
N GLY E 17 38.61 24.17 4.23
CA GLY E 17 39.17 23.04 5.00
C GLY E 17 39.50 21.83 4.14
N GLU E 18 39.55 22.00 2.81
CA GLU E 18 39.89 20.92 1.83
C GLU E 18 41.10 21.36 0.99
N ASN E 19 41.98 20.40 0.67
CA ASN E 19 42.86 20.43 -0.52
C ASN E 19 43.06 18.97 -0.98
N ILE E 20 41.99 18.17 -0.91
CA ILE E 20 41.92 16.83 -1.56
C ILE E 20 40.77 16.85 -2.57
N CYS E 21 41.12 16.78 -3.86
CA CYS E 21 40.19 16.51 -4.98
C CYS E 21 40.07 15.00 -5.16
N TYR E 22 38.92 14.53 -5.64
CA TYR E 22 38.66 13.08 -5.82
C TYR E 22 37.84 12.85 -7.10
N THR E 23 38.03 11.65 -7.65
CA THR E 23 37.20 11.02 -8.70
C THR E 23 36.64 9.73 -8.10
N LYS E 24 35.30 9.64 -7.97
CA LYS E 24 34.59 8.47 -7.41
C LYS E 24 33.73 7.79 -8.50
N THR E 25 33.97 6.49 -8.72
CA THR E 25 33.25 5.60 -9.67
C THR E 25 32.61 4.42 -8.92
N TRP E 26 31.33 4.13 -9.16
CA TRP E 26 30.66 2.95 -8.56
C TRP E 26 29.39 2.61 -9.33
N CYS E 27 28.99 1.34 -9.24
CA CYS E 27 27.65 0.83 -9.63
C CYS E 27 26.64 1.13 -8.53
N ASP E 28 25.66 1.99 -8.82
CA ASP E 28 24.41 2.07 -8.04
C ASP E 28 23.46 1.03 -8.64
N ALA E 29 22.21 0.99 -8.18
CA ALA E 29 21.24 -0.05 -8.54
C ALA E 29 20.68 0.16 -9.95
N PHE E 30 21.11 1.22 -10.66
CA PHE E 30 20.76 1.44 -12.09
C PHE E 30 21.91 1.00 -13.02
N CYS E 31 22.98 0.39 -12.48
CA CYS E 31 24.25 0.11 -13.22
C CYS E 31 23.94 -0.68 -14.51
N SER E 32 23.03 -1.65 -14.47
CA SER E 32 22.67 -2.49 -15.64
C SER E 32 22.01 -1.67 -16.76
N GLN E 33 21.35 -0.55 -16.46
CA GLN E 33 20.68 0.26 -17.51
C GLN E 33 21.59 1.40 -17.97
N ARG E 34 22.30 2.05 -17.04
CA ARG E 34 22.91 3.39 -17.22
C ARG E 34 24.45 3.37 -17.18
N GLY E 35 25.07 2.28 -16.76
CA GLY E 35 26.53 2.24 -16.54
C GLY E 35 26.84 2.69 -15.13
N LYS E 36 28.12 2.92 -14.86
CA LYS E 36 28.61 3.28 -13.50
C LYS E 36 28.28 4.75 -13.23
N ARG E 37 27.99 5.08 -11.98
CA ARG E 37 27.82 6.49 -11.56
C ARG E 37 29.21 7.12 -11.41
N VAL E 38 29.34 8.40 -11.74
CA VAL E 38 30.63 9.14 -11.66
C VAL E 38 30.39 10.44 -10.88
N GLU E 39 31.32 10.77 -9.98
CA GLU E 39 31.26 11.96 -9.10
C GLU E 39 32.66 12.55 -8.94
N LEU E 40 32.81 13.86 -9.19
CA LEU E 40 34.08 14.59 -8.98
C LEU E 40 33.84 15.69 -7.93
N GLY E 41 34.77 15.91 -7.00
CA GLY E 41 34.66 17.04 -6.05
C GLY E 41 35.80 17.12 -5.07
N CYS E 42 35.54 17.80 -3.93
CA CYS E 42 36.47 18.05 -2.80
C CYS E 42 36.07 17.18 -1.61
N ALA E 43 37.04 16.78 -0.78
CA ALA E 43 36.85 16.01 0.47
C ALA E 43 37.87 16.47 1.53
N ALA E 44 37.48 16.49 2.81
CA ALA E 44 38.33 16.86 3.96
C ALA E 44 39.61 16.01 3.95
N THR E 45 39.44 14.71 3.71
CA THR E 45 40.53 13.73 3.43
C THR E 45 40.02 12.79 2.32
N CYS E 46 40.86 11.91 1.78
CA CYS E 46 40.46 10.88 0.79
C CYS E 46 39.31 10.08 1.39
N PRO E 47 38.08 10.14 0.84
CA PRO E 47 36.90 9.57 1.50
C PRO E 47 36.98 8.04 1.65
N LYS E 48 36.39 7.53 2.73
CA LYS E 48 36.34 6.08 3.09
C LYS E 48 35.29 5.39 2.19
N VAL E 49 35.77 4.71 1.14
CA VAL E 49 34.96 3.94 0.15
C VAL E 49 34.18 2.82 0.87
N LYS E 50 33.11 2.40 0.22
CA LYS E 50 32.41 1.15 0.58
C LYS E 50 32.86 0.11 -0.46
N ALA E 51 32.45 -1.13 -0.26
CA ALA E 51 32.83 -2.21 -1.22
C ALA E 51 32.42 -1.86 -2.66
N GLY E 52 33.34 -2.12 -3.61
CA GLY E 52 33.16 -1.96 -5.07
C GLY E 52 33.45 -0.58 -5.64
N VAL E 53 33.63 0.41 -4.79
CA VAL E 53 33.81 1.84 -5.21
C VAL E 53 35.27 2.03 -5.63
N GLU E 54 35.54 2.22 -6.92
CA GLU E 54 36.85 2.74 -7.41
C GLU E 54 36.97 4.19 -6.93
N ILE E 55 38.15 4.58 -6.43
CA ILE E 55 38.38 5.99 -5.95
C ILE E 55 39.83 6.37 -6.26
N LYS E 56 40.02 7.61 -6.75
CA LYS E 56 41.34 8.25 -7.00
C LYS E 56 41.33 9.65 -6.38
N CYS E 57 42.26 9.92 -5.46
CA CYS E 57 42.45 11.22 -4.77
C CYS E 57 43.77 11.86 -5.22
N CYS E 58 43.80 13.19 -5.26
CA CYS E 58 45.01 14.02 -5.53
C CYS E 58 44.87 15.36 -4.79
N SER E 59 45.90 16.18 -4.72
CA SER E 59 45.92 17.35 -3.80
C SER E 59 46.33 18.67 -4.47
N THR E 60 46.35 18.77 -5.80
CA THR E 60 46.65 20.04 -6.51
C THR E 60 45.36 20.62 -7.11
N ASP E 61 45.31 21.93 -7.32
CA ASP E 61 44.12 22.61 -7.90
C ASP E 61 43.71 21.87 -9.17
N ASN E 62 42.47 21.38 -9.21
CA ASN E 62 41.81 20.85 -10.43
C ASN E 62 42.57 19.63 -10.98
N CYS E 63 43.18 18.81 -10.12
CA CYS E 63 43.95 17.59 -10.50
C CYS E 63 43.00 16.40 -10.73
N ASN E 64 41.86 16.35 -10.06
CA ASN E 64 40.91 15.21 -10.13
C ASN E 64 40.41 15.07 -11.58
N LYS E 65 40.79 13.98 -12.23
CA LYS E 65 40.40 13.65 -13.63
C LYS E 65 39.47 12.43 -13.62
N THR F 25 -14.40 -24.83 26.46
CA THR F 25 -14.42 -23.39 26.87
C THR F 25 -13.02 -22.79 26.83
N TRP F 26 -12.86 -21.58 26.26
CA TRP F 26 -11.56 -20.88 26.11
C TRP F 26 -11.76 -19.42 25.66
N CYS F 27 -10.74 -18.58 25.81
CA CYS F 27 -10.71 -17.17 25.30
C CYS F 27 -10.04 -17.13 23.92
N ASP F 28 -10.80 -16.80 22.87
CA ASP F 28 -10.30 -16.39 21.54
C ASP F 28 -9.93 -14.91 21.67
N ALA F 29 -9.53 -14.25 20.58
CA ALA F 29 -9.00 -12.87 20.62
C ALA F 29 -10.13 -11.82 20.68
N PHE F 30 -11.40 -12.23 20.87
CA PHE F 30 -12.57 -11.35 21.13
C PHE F 30 -12.98 -11.41 22.61
N CYS F 31 -12.39 -12.35 23.37
CA CYS F 31 -12.65 -12.62 24.81
C CYS F 31 -12.94 -11.32 25.58
N SER F 32 -11.94 -10.45 25.74
CA SER F 32 -12.08 -9.17 26.47
C SER F 32 -13.44 -8.52 26.20
N GLN F 33 -13.93 -8.58 24.96
CA GLN F 33 -15.12 -7.80 24.53
C GLN F 33 -16.40 -8.68 24.48
N ARG F 34 -16.27 -10.01 24.56
CA ARG F 34 -17.39 -10.99 24.34
C ARG F 34 -17.44 -12.06 25.45
N GLY F 35 -16.41 -12.14 26.28
CA GLY F 35 -16.20 -13.28 27.19
C GLY F 35 -15.72 -14.52 26.44
N LYS F 36 -15.51 -15.61 27.17
CA LYS F 36 -14.92 -16.86 26.65
C LYS F 36 -15.81 -17.43 25.55
N ARG F 37 -15.19 -18.03 24.54
CA ARG F 37 -15.90 -18.88 23.55
C ARG F 37 -16.24 -20.20 24.26
N VAL F 38 -17.39 -20.80 23.93
CA VAL F 38 -17.83 -22.13 24.46
C VAL F 38 -18.26 -23.02 23.28
N GLU F 39 -18.05 -24.33 23.39
CA GLU F 39 -18.39 -25.35 22.35
C GLU F 39 -18.76 -26.65 23.06
N LEU F 40 -19.67 -27.44 22.48
CA LEU F 40 -20.10 -28.76 23.05
C LEU F 40 -20.05 -29.84 21.96
#